data_8VK2
#
_entry.id   8VK2
#
_cell.length_a   62.009
_cell.length_b   80.664
_cell.length_c   164.807
_cell.angle_alpha   90.000
_cell.angle_beta   90.000
_cell.angle_gamma   90.000
#
_symmetry.space_group_name_H-M   'P 21 21 21'
#
loop_
_entity.id
_entity.type
_entity.pdbx_description
1 polymer 'IgE 4C8 light chain'
2 polymer 'IgE 4C8 heavy chain'
3 water water
#
loop_
_entity_poly.entity_id
_entity_poly.type
_entity_poly.pdbx_seq_one_letter_code
_entity_poly.pdbx_strand_id
1 'polypeptide(L)'
;SFELTQPPSVSVSPGQTASITCSGDKLGDIYASWYQQKPGQSPVVVIFQDNKRPSGVPERFSGSNSGNTATLTISGTQAL
DEADYYCQAWDTSTSVFGTGTKVTVLGQPKANPTVTLFPPSSEELQANKATLVCLISDFYPGAVTVAWKADGSPVKAGVE
TTKPSKQSNNKYAASSYLSLTPEQWKSHRSYSCQVTHEGSTVEKTVAPTECS
;
E,B
2 'polypeptide(L)'
;EVQLVESGGGLVQPGGSLRLSCAASGFTFSSYAIHWVRQAPGKGLEWVSGLSGGGGDTDYADSVKGRLTISRDNSKKTLF
LEMNNLRPEDTAIYYCAKLTGYGSTPGSYMDVWGKGTTVSVSSASTKGPSVFPLAPSSKSTSGGTAALGCLVKDYFPEPV
TVSWNSGALTSGVHTFPAVLQSSGLYSLSSVVTVPSSSLGTQTYICNVNHKPSNTKVDKKVEPKSCHHHHHH
;
C,F
#
# COMPACT_ATOMS: atom_id res chain seq x y z
N SER A 1 34.52 10.57 -25.27
CA SER A 1 33.10 10.92 -25.02
C SER A 1 32.99 12.01 -23.95
N PHE A 2 32.53 13.21 -24.34
CA PHE A 2 32.08 14.18 -23.34
C PHE A 2 30.84 13.60 -22.65
N GLU A 3 30.75 13.81 -21.33
CA GLU A 3 29.71 13.19 -20.51
C GLU A 3 28.70 14.26 -20.09
N LEU A 4 27.41 13.98 -20.30
CA LEU A 4 26.34 14.88 -19.90
C LEU A 4 25.69 14.34 -18.63
N THR A 5 25.89 15.05 -17.51
CA THR A 5 25.48 14.60 -16.20
C THR A 5 24.11 15.18 -15.86
N GLN A 6 23.18 14.29 -15.52
CA GLN A 6 21.85 14.63 -15.07
C GLN A 6 21.66 14.08 -13.66
N PRO A 7 20.81 14.74 -12.83
CA PRO A 7 20.44 14.20 -11.52
C PRO A 7 19.59 12.95 -11.76
N PRO A 8 19.83 11.86 -11.03
CA PRO A 8 19.15 10.61 -11.35
C PRO A 8 17.64 10.66 -11.13
N SER A 9 17.17 11.48 -10.18
CA SER A 9 15.74 11.47 -9.85
C SER A 9 15.26 12.86 -9.47
N VAL A 10 14.01 13.13 -9.86
CA VAL A 10 13.30 14.33 -9.50
C VAL A 10 11.88 13.91 -9.10
N SER A 11 11.42 14.40 -7.94
CA SER A 11 10.02 14.33 -7.57
C SER A 11 9.36 15.69 -7.77
N VAL A 12 8.11 15.67 -8.24
CA VAL A 12 7.32 16.88 -8.43
C VAL A 12 5.87 16.56 -8.08
N SER A 13 5.16 17.50 -7.43
CA SER A 13 3.73 17.31 -7.17
C SER A 13 2.94 17.76 -8.40
N PRO A 14 1.77 17.16 -8.70
CA PRO A 14 0.94 17.60 -9.82
C PRO A 14 0.68 19.10 -9.74
N GLY A 15 0.83 19.79 -10.87
CA GLY A 15 0.63 21.24 -10.93
C GLY A 15 1.92 22.03 -10.74
N GLN A 16 2.94 21.48 -10.08
CA GLN A 16 4.18 22.19 -9.81
C GLN A 16 5.09 22.17 -11.05
N THR A 17 6.20 22.92 -10.94
CA THR A 17 7.17 23.04 -12.00
C THR A 17 8.30 22.05 -11.74
N ALA A 18 8.59 21.23 -12.75
CA ALA A 18 9.68 20.27 -12.67
C ALA A 18 10.87 20.82 -13.44
N SER A 19 12.01 20.89 -12.75
CA SER A 19 13.26 21.37 -13.34
C SER A 19 14.26 20.21 -13.47
N ILE A 20 14.60 19.88 -14.72
CA ILE A 20 15.58 18.85 -14.99
C ILE A 20 16.80 19.52 -15.61
N THR A 21 17.97 19.31 -15.01
CA THR A 21 19.22 19.90 -15.46
C THR A 21 20.11 18.87 -16.18
N CYS A 22 21.00 19.41 -17.03
CA CYS A 22 21.95 18.61 -17.78
C CYS A 22 23.26 19.40 -17.89
N SER A 23 24.38 18.85 -17.43
CA SER A 23 25.62 19.61 -17.32
C SER A 23 26.75 18.91 -18.09
N GLY A 24 27.67 19.71 -18.63
CA GLY A 24 28.84 19.21 -19.34
C GLY A 24 29.62 20.39 -19.94
N ASP A 25 30.94 20.18 -20.08
CA ASP A 25 31.87 21.23 -20.46
C ASP A 25 31.54 21.72 -21.87
N LYS A 26 31.30 20.79 -22.80
CA LYS A 26 31.08 21.11 -24.21
C LYS A 26 29.65 21.62 -24.43
N LEU A 27 28.76 21.43 -23.45
CA LEU A 27 27.42 21.99 -23.50
C LEU A 27 27.52 23.51 -23.49
N GLY A 28 26.53 24.17 -24.08
CA GLY A 28 26.51 25.63 -24.09
C GLY A 28 27.20 26.21 -25.33
N ASP A 29 28.40 25.69 -25.65
CA ASP A 29 28.98 25.87 -26.98
C ASP A 29 28.11 25.19 -28.04
N ILE A 30 27.43 24.10 -27.64
CA ILE A 30 26.67 23.23 -28.52
C ILE A 30 25.19 23.32 -28.17
N TYR A 31 24.34 22.78 -29.07
CA TYR A 31 22.89 22.73 -28.86
C TYR A 31 22.46 21.48 -28.08
N ALA A 32 21.46 21.65 -27.22
CA ALA A 32 20.97 20.57 -26.39
C ALA A 32 19.57 20.16 -26.87
N SER A 33 19.26 18.87 -26.76
CA SER A 33 17.95 18.32 -27.07
C SER A 33 17.47 17.57 -25.83
N TRP A 34 16.15 17.40 -25.73
CA TRP A 34 15.54 16.68 -24.63
C TRP A 34 14.56 15.66 -25.18
N TYR A 35 14.72 14.41 -24.71
CA TYR A 35 13.87 13.28 -25.07
C TYR A 35 13.11 12.79 -23.84
N GLN A 36 11.84 12.47 -24.04
CA GLN A 36 10.97 11.95 -23.00
C GLN A 36 10.67 10.49 -23.30
N GLN A 37 10.84 9.63 -22.29
CA GLN A 37 10.47 8.23 -22.45
C GLN A 37 9.60 7.78 -21.29
N LYS A 38 8.32 7.60 -21.61
CA LYS A 38 7.33 7.01 -20.73
C LYS A 38 7.52 5.50 -20.71
N PRO A 39 7.11 4.82 -19.62
CA PRO A 39 7.35 3.38 -19.48
C PRO A 39 6.80 2.53 -20.63
N GLY A 40 7.61 1.56 -21.06
CA GLY A 40 7.24 0.69 -22.17
C GLY A 40 7.32 1.35 -23.56
N GLN A 41 7.80 2.58 -23.67
CA GLN A 41 7.63 3.29 -24.93
C GLN A 41 8.95 3.71 -25.56
N SER A 42 8.90 4.07 -26.84
CA SER A 42 10.03 4.69 -27.50
C SER A 42 10.21 6.10 -26.97
N PRO A 43 11.44 6.66 -26.96
CA PRO A 43 11.64 8.07 -26.64
C PRO A 43 10.97 8.99 -27.65
N VAL A 44 10.63 10.18 -27.17
CA VAL A 44 10.00 11.22 -27.97
C VAL A 44 10.75 12.52 -27.69
N VAL A 45 11.08 13.28 -28.75
CA VAL A 45 11.66 14.59 -28.59
C VAL A 45 10.61 15.56 -28.04
N VAL A 46 11.02 16.39 -27.07
CA VAL A 46 10.16 17.43 -26.52
C VAL A 46 10.78 18.81 -26.71
N ILE A 47 12.12 18.89 -26.65
CA ILE A 47 12.86 20.13 -26.93
C ILE A 47 14.04 19.85 -27.88
N PHE A 48 14.26 20.74 -28.85
CA PHE A 48 15.50 20.73 -29.63
C PHE A 48 16.12 22.13 -29.72
N GLN A 49 17.38 22.16 -30.21
CA GLN A 49 18.14 23.39 -30.37
C GLN A 49 17.94 24.29 -29.15
N ASP A 50 18.14 23.70 -27.96
CA ASP A 50 18.13 24.37 -26.66
C ASP A 50 16.71 24.69 -26.19
N ASN A 51 15.91 25.35 -27.05
CA ASN A 51 14.64 25.88 -26.54
C ASN A 51 13.50 25.79 -27.55
N LYS A 52 13.62 24.96 -28.58
CA LYS A 52 12.56 24.83 -29.56
C LYS A 52 11.71 23.61 -29.25
N ARG A 53 10.41 23.76 -29.51
CA ARG A 53 9.47 22.67 -29.33
C ARG A 53 9.01 22.15 -30.68
N PRO A 54 9.08 20.83 -30.95
CA PRO A 54 8.41 20.24 -32.11
C PRO A 54 6.92 20.56 -32.05
N SER A 55 6.27 20.63 -33.22
CA SER A 55 4.93 21.22 -33.28
C SER A 55 3.98 20.58 -32.27
N GLY A 56 4.02 19.25 -32.13
CA GLY A 56 3.04 18.52 -31.33
C GLY A 56 3.24 18.61 -29.81
N VAL A 57 4.45 18.99 -29.37
CA VAL A 57 4.80 19.01 -27.97
C VAL A 57 3.99 20.11 -27.26
N PRO A 58 3.42 19.83 -26.07
CA PRO A 58 2.69 20.85 -25.32
C PRO A 58 3.57 22.00 -24.82
N GLU A 59 2.93 23.16 -24.62
CA GLU A 59 3.65 24.40 -24.36
C GLU A 59 4.29 24.37 -22.97
N ARG A 60 3.78 23.53 -22.05
CA ARG A 60 4.27 23.53 -20.68
C ARG A 60 5.73 23.05 -20.60
N PHE A 61 6.19 22.37 -21.67
CA PHE A 61 7.59 21.98 -21.82
C PHE A 61 8.38 23.14 -22.42
N SER A 62 9.53 23.47 -21.82
CA SER A 62 10.39 24.56 -22.29
C SER A 62 11.84 24.27 -21.90
N GLY A 63 12.80 24.94 -22.58
CA GLY A 63 14.21 24.69 -22.31
C GLY A 63 15.08 25.95 -22.35
N SER A 64 16.26 25.85 -21.73
CA SER A 64 17.25 26.91 -21.59
C SER A 64 18.63 26.26 -21.48
N ASN A 65 19.66 26.87 -22.09
CA ASN A 65 21.03 26.34 -22.06
C ASN A 65 22.03 27.44 -21.68
N SER A 66 22.07 27.75 -20.36
CA SER A 66 22.97 28.76 -19.80
C SER A 66 24.33 28.16 -19.38
N GLY A 67 25.39 28.65 -20.04
CA GLY A 67 26.74 28.24 -19.69
C GLY A 67 26.92 26.78 -20.03
N ASN A 68 27.38 26.00 -19.04
CA ASN A 68 27.64 24.58 -19.20
C ASN A 68 26.42 23.74 -18.85
N THR A 69 25.25 24.36 -18.69
CA THR A 69 24.10 23.66 -18.13
C THR A 69 22.87 23.92 -18.98
N ALA A 70 22.19 22.83 -19.34
CA ALA A 70 20.91 22.91 -20.01
C ALA A 70 19.82 22.49 -19.03
N THR A 71 18.67 23.13 -19.12
CA THR A 71 17.56 22.85 -18.21
C THR A 71 16.27 22.63 -19.00
N LEU A 72 15.56 21.55 -18.68
CA LEU A 72 14.21 21.34 -19.15
C LEU A 72 13.24 21.69 -18.01
N THR A 73 12.28 22.57 -18.33
CA THR A 73 11.24 22.97 -17.40
C THR A 73 9.87 22.42 -17.84
N ILE A 74 9.18 21.77 -16.90
CA ILE A 74 7.81 21.34 -17.12
C ILE A 74 6.88 22.12 -16.18
N SER A 75 6.15 23.10 -16.74
CA SER A 75 5.14 23.84 -15.96
C SER A 75 3.88 23.00 -15.76
N GLY A 76 3.19 23.20 -14.65
CA GLY A 76 1.94 22.51 -14.37
C GLY A 76 2.04 21.01 -14.68
N THR A 77 3.08 20.37 -14.11
CA THR A 77 3.41 18.99 -14.40
C THR A 77 2.17 18.12 -14.18
N GLN A 78 1.84 17.29 -15.16
CA GLN A 78 0.72 16.36 -15.08
C GLN A 78 1.24 14.96 -14.78
N ALA A 79 0.33 14.08 -14.32
CA ALA A 79 0.70 12.71 -13.98
C ALA A 79 1.25 11.96 -15.20
N LEU A 80 0.67 12.22 -16.37
CA LEU A 80 1.17 11.66 -17.62
C LEU A 80 2.54 12.20 -18.02
N ASP A 81 3.04 13.29 -17.44
CA ASP A 81 4.40 13.75 -17.74
C ASP A 81 5.44 12.88 -17.01
N GLU A 82 4.98 11.84 -16.31
CA GLU A 82 5.87 10.98 -15.56
C GLU A 82 6.61 10.07 -16.52
N ALA A 83 7.93 10.20 -16.51
CA ALA A 83 8.78 9.64 -17.55
C ALA A 83 10.25 9.80 -17.19
N ASP A 84 11.11 9.05 -17.89
CA ASP A 84 12.55 9.27 -17.87
C ASP A 84 12.89 10.32 -18.94
N TYR A 85 13.59 11.38 -18.51
CA TYR A 85 13.98 12.45 -19.43
C TYR A 85 15.50 12.43 -19.62
N TYR A 86 15.92 12.49 -20.89
CA TYR A 86 17.33 12.43 -21.28
C TYR A 86 17.68 13.67 -22.11
N CYS A 87 18.73 14.38 -21.73
CA CYS A 87 19.30 15.39 -22.61
C CYS A 87 20.24 14.72 -23.61
N GLN A 88 20.41 15.33 -24.79
CA GLN A 88 21.31 14.85 -25.83
C GLN A 88 22.09 16.03 -26.42
N ALA A 89 23.36 15.81 -26.81
CA ALA A 89 24.16 16.82 -27.50
C ALA A 89 25.09 16.16 -28.52
N TRP A 90 25.35 16.87 -29.62
CA TRP A 90 26.17 16.37 -30.72
C TRP A 90 27.62 16.81 -30.55
N ASP A 91 28.53 15.86 -30.32
CA ASP A 91 29.95 16.14 -30.33
C ASP A 91 30.48 15.82 -31.72
N THR A 92 30.70 16.86 -32.52
CA THR A 92 30.99 16.69 -33.94
C THR A 92 29.86 15.81 -34.50
N SER A 93 30.17 14.53 -34.77
CA SER A 93 29.22 13.62 -35.38
C SER A 93 28.80 12.51 -34.41
N THR A 94 29.38 12.49 -33.22
CA THR A 94 29.02 11.57 -32.14
C THR A 94 27.87 12.16 -31.33
N SER A 95 26.76 11.43 -31.23
CA SER A 95 25.65 11.79 -30.36
C SER A 95 25.91 11.27 -28.95
N VAL A 96 25.64 12.10 -27.94
CA VAL A 96 25.79 11.73 -26.54
C VAL A 96 24.47 12.00 -25.82
N PHE A 97 23.95 10.99 -25.13
CA PHE A 97 22.82 11.15 -24.24
C PHE A 97 23.31 11.35 -22.81
N GLY A 98 22.57 12.16 -22.04
CA GLY A 98 22.78 12.32 -20.61
C GLY A 98 22.42 11.07 -19.82
N THR A 99 22.86 11.02 -18.55
CA THR A 99 22.67 9.83 -17.72
C THR A 99 21.20 9.57 -17.45
N GLY A 100 20.34 10.58 -17.58
CA GLY A 100 18.91 10.37 -17.43
C GLY A 100 18.41 10.83 -16.06
N THR A 101 17.19 11.38 -16.05
CA THR A 101 16.48 11.72 -14.82
C THR A 101 15.11 11.03 -14.81
N LYS A 102 14.81 10.28 -13.74
CA LYS A 102 13.49 9.74 -13.46
C LYS A 102 12.61 10.82 -12.82
N VAL A 103 11.60 11.26 -13.55
CA VAL A 103 10.66 12.23 -13.02
C VAL A 103 9.43 11.51 -12.49
N THR A 104 9.32 11.46 -11.15
CA THR A 104 8.12 10.94 -10.49
C THR A 104 7.17 12.09 -10.22
N VAL A 105 5.93 11.97 -10.71
CA VAL A 105 4.90 12.92 -10.36
C VAL A 105 4.09 12.28 -9.23
N LEU A 106 4.26 12.81 -8.02
CA LEU A 106 3.75 12.19 -6.81
C LEU A 106 2.23 11.98 -6.91
N GLY A 107 1.79 10.71 -6.99
CA GLY A 107 0.38 10.40 -7.16
C GLY A 107 -0.28 9.80 -5.90
N GLN A 108 0.43 9.81 -4.76
CA GLN A 108 0.20 8.84 -3.71
C GLN A 108 1.04 9.23 -2.51
N PRO A 109 0.62 9.02 -1.25
CA PRO A 109 1.52 9.25 -0.12
C PRO A 109 2.75 8.35 -0.20
N LYS A 110 3.80 8.78 0.51
CA LYS A 110 4.97 7.96 0.66
C LYS A 110 4.62 6.69 1.44
N ALA A 111 5.17 5.57 0.98
CA ALA A 111 4.95 4.29 1.62
C ALA A 111 6.29 3.56 1.77
N ASN A 112 6.65 3.23 3.02
CA ASN A 112 7.89 2.50 3.29
C ASN A 112 7.69 1.04 2.92
N PRO A 113 8.76 0.29 2.56
CA PRO A 113 8.59 -1.07 2.05
C PRO A 113 8.32 -2.16 3.09
N THR A 114 7.52 -3.17 2.71
CA THR A 114 7.36 -4.36 3.55
C THR A 114 8.47 -5.31 3.15
N VAL A 115 9.36 -5.67 4.08
CA VAL A 115 10.51 -6.52 3.75
C VAL A 115 10.36 -7.90 4.39
N THR A 116 10.44 -8.95 3.59
CA THR A 116 10.39 -10.32 4.10
C THR A 116 11.69 -11.04 3.73
N LEU A 117 12.35 -11.66 4.71
CA LEU A 117 13.63 -12.32 4.46
C LEU A 117 13.50 -13.78 4.84
N PHE A 118 13.80 -14.68 3.90
CA PHE A 118 13.71 -16.12 4.15
C PHE A 118 15.12 -16.71 4.21
N PRO A 119 15.41 -17.63 5.14
CA PRO A 119 16.71 -18.32 5.16
C PRO A 119 16.79 -19.41 4.12
N PRO A 120 17.96 -20.09 3.97
CA PRO A 120 18.07 -21.24 3.09
C PRO A 120 17.15 -22.38 3.54
N SER A 121 16.50 -23.00 2.56
CA SER A 121 15.68 -24.18 2.78
C SER A 121 16.58 -25.38 3.07
N SER A 122 16.07 -26.35 3.83
CA SER A 122 16.85 -27.53 4.15
C SER A 122 17.15 -28.33 2.87
N GLU A 123 16.23 -28.32 1.91
N GLU A 123 16.22 -28.32 1.92
CA GLU A 123 16.39 -29.07 0.66
CA GLU A 123 16.41 -29.07 0.68
C GLU A 123 17.55 -28.46 -0.13
C GLU A 123 17.57 -28.46 -0.11
N GLU A 124 17.64 -27.12 -0.13
CA GLU A 124 18.70 -26.43 -0.83
C GLU A 124 20.04 -26.74 -0.15
N LEU A 125 20.05 -26.69 1.19
CA LEU A 125 21.26 -27.03 1.92
C LEU A 125 21.71 -28.46 1.61
N GLN A 126 20.74 -29.37 1.41
CA GLN A 126 21.03 -30.76 1.08
C GLN A 126 21.67 -30.85 -0.29
N ALA A 127 21.35 -29.90 -1.17
CA ALA A 127 21.97 -29.84 -2.48
C ALA A 127 23.23 -28.99 -2.43
N ASN A 128 23.75 -28.70 -1.23
CA ASN A 128 25.03 -28.01 -1.08
C ASN A 128 24.99 -26.60 -1.68
N LYS A 129 23.83 -25.94 -1.54
CA LYS A 129 23.66 -24.53 -1.87
C LYS A 129 22.92 -23.82 -0.75
N ALA A 130 22.98 -22.48 -0.79
CA ALA A 130 22.31 -21.64 0.19
C ALA A 130 21.96 -20.29 -0.43
N THR A 131 20.67 -20.00 -0.56
CA THR A 131 20.18 -18.71 -1.04
C THR A 131 19.36 -18.02 0.05
N LEU A 132 19.75 -16.79 0.38
CA LEU A 132 18.91 -15.90 1.18
C LEU A 132 18.06 -15.05 0.26
N VAL A 133 16.74 -15.02 0.52
CA VAL A 133 15.78 -14.36 -0.35
C VAL A 133 15.18 -13.18 0.41
N CYS A 134 15.42 -11.98 -0.10
CA CYS A 134 14.90 -10.78 0.51
C CYS A 134 13.93 -10.08 -0.44
N LEU A 135 12.66 -10.04 -0.05
CA LEU A 135 11.58 -9.56 -0.89
C LEU A 135 11.02 -8.25 -0.34
N ILE A 136 10.96 -7.23 -1.22
CA ILE A 136 10.64 -5.86 -0.86
C ILE A 136 9.37 -5.49 -1.60
N SER A 137 8.31 -5.05 -0.90
CA SER A 137 7.03 -4.79 -1.55
C SER A 137 6.36 -3.49 -1.06
N ASP A 138 5.45 -2.98 -1.87
CA ASP A 138 4.55 -1.90 -1.46
C ASP A 138 5.35 -0.69 -0.99
N PHE A 139 6.32 -0.26 -1.81
CA PHE A 139 7.08 0.93 -1.46
C PHE A 139 6.85 2.00 -2.51
N TYR A 140 6.75 3.24 -2.05
CA TYR A 140 6.55 4.35 -2.95
C TYR A 140 7.19 5.57 -2.31
N PRO A 141 7.95 6.38 -3.07
CA PRO A 141 8.18 6.17 -4.50
C PRO A 141 9.16 5.03 -4.78
N GLY A 142 9.41 4.75 -6.07
CA GLY A 142 9.94 3.46 -6.49
C GLY A 142 11.45 3.45 -6.61
N ALA A 143 12.11 3.72 -5.48
CA ALA A 143 13.57 3.73 -5.42
C ALA A 143 14.02 3.17 -4.08
N VAL A 144 14.90 2.17 -4.13
CA VAL A 144 15.43 1.53 -2.95
C VAL A 144 16.91 1.20 -3.20
N THR A 145 17.61 1.04 -2.07
CA THR A 145 18.92 0.43 -2.02
C THR A 145 18.85 -0.75 -1.05
N VAL A 146 19.48 -1.85 -1.44
CA VAL A 146 19.59 -3.02 -0.61
C VAL A 146 21.04 -3.18 -0.20
N ALA A 147 21.25 -3.56 1.06
CA ALA A 147 22.56 -3.92 1.58
C ALA A 147 22.45 -5.22 2.41
N TRP A 148 23.44 -6.11 2.24
CA TRP A 148 23.51 -7.34 3.01
C TRP A 148 24.62 -7.25 4.06
N LYS A 149 24.38 -7.87 5.21
CA LYS A 149 25.33 -7.90 6.29
C LYS A 149 25.53 -9.35 6.73
N ALA A 150 26.76 -9.69 7.12
CA ALA A 150 27.03 -10.91 7.87
C ALA A 150 27.52 -10.51 9.26
N ASP A 151 26.71 -10.83 10.28
CA ASP A 151 27.02 -10.44 11.65
C ASP A 151 27.27 -8.93 11.69
N GLY A 152 26.46 -8.15 10.95
CA GLY A 152 26.58 -6.72 10.86
C GLY A 152 27.82 -6.23 10.08
N SER A 153 28.49 -7.10 9.31
CA SER A 153 29.58 -6.65 8.46
C SER A 153 29.12 -6.72 7.00
N PRO A 154 29.38 -5.68 6.17
CA PRO A 154 28.88 -5.65 4.80
C PRO A 154 29.30 -6.83 3.93
N VAL A 155 28.36 -7.34 3.12
CA VAL A 155 28.61 -8.42 2.17
C VAL A 155 28.19 -7.95 0.78
N LYS A 156 29.16 -7.88 -0.15
CA LYS A 156 28.98 -7.34 -1.51
C LYS A 156 28.98 -8.47 -2.56
N ALA A 157 29.66 -9.58 -2.24
CA ALA A 157 29.74 -10.75 -3.11
C ALA A 157 28.52 -11.67 -2.95
N GLY A 158 28.08 -12.23 -4.08
CA GLY A 158 26.97 -13.18 -4.14
C GLY A 158 25.61 -12.49 -4.17
N VAL A 159 25.60 -11.16 -4.41
CA VAL A 159 24.39 -10.36 -4.34
C VAL A 159 23.84 -10.14 -5.74
N GLU A 160 22.56 -10.50 -5.95
CA GLU A 160 21.86 -10.19 -7.19
C GLU A 160 20.55 -9.49 -6.81
N THR A 161 20.46 -8.18 -7.11
CA THR A 161 19.31 -7.36 -6.76
C THR A 161 18.60 -6.91 -8.03
N THR A 162 17.27 -6.99 -8.02
CA THR A 162 16.47 -6.53 -9.17
C THR A 162 16.37 -5.02 -9.10
N LYS A 163 15.96 -4.39 -10.20
CA LYS A 163 15.50 -3.02 -10.19
C LYS A 163 14.02 -3.00 -9.80
N PRO A 164 13.55 -1.94 -9.12
CA PRO A 164 12.15 -1.87 -8.71
C PRO A 164 11.23 -1.96 -9.91
N SER A 165 10.08 -2.63 -9.73
CA SER A 165 9.06 -2.72 -10.76
C SER A 165 7.71 -2.35 -10.16
N LYS A 166 6.91 -1.65 -10.95
CA LYS A 166 5.63 -1.12 -10.50
C LYS A 166 4.64 -2.27 -10.35
N GLN A 167 4.04 -2.34 -9.16
CA GLN A 167 2.97 -3.28 -8.88
C GLN A 167 1.68 -2.76 -9.51
N SER A 168 0.65 -3.61 -9.55
CA SER A 168 -0.65 -3.21 -10.06
C SER A 168 -1.29 -2.08 -9.23
N ASN A 169 -0.96 -1.99 -7.93
CA ASN A 169 -1.48 -0.95 -7.05
C ASN A 169 -0.68 0.36 -7.15
N ASN A 170 0.27 0.45 -8.12
CA ASN A 170 1.07 1.64 -8.40
C ASN A 170 2.16 1.86 -7.36
N LYS A 171 2.32 0.93 -6.43
CA LYS A 171 3.50 0.88 -5.59
C LYS A 171 4.52 0.01 -6.31
N TYR A 172 5.70 -0.16 -5.71
CA TYR A 172 6.80 -0.85 -6.37
C TYR A 172 7.22 -2.08 -5.56
N ALA A 173 7.81 -3.05 -6.27
CA ALA A 173 8.43 -4.19 -5.63
C ALA A 173 9.86 -4.41 -6.15
N ALA A 174 10.65 -5.15 -5.37
CA ALA A 174 12.01 -5.50 -5.74
C ALA A 174 12.43 -6.76 -4.99
N SER A 175 13.49 -7.44 -5.46
CA SER A 175 14.06 -8.62 -4.83
C SER A 175 15.58 -8.51 -4.74
N SER A 176 16.17 -9.12 -3.71
CA SER A 176 17.61 -9.31 -3.64
C SER A 176 17.87 -10.72 -3.12
N TYR A 177 18.90 -11.35 -3.71
CA TYR A 177 19.28 -12.71 -3.40
C TYR A 177 20.76 -12.71 -3.01
N LEU A 178 21.07 -13.39 -1.89
CA LEU A 178 22.46 -13.59 -1.48
C LEU A 178 22.79 -15.08 -1.57
N SER A 179 23.81 -15.40 -2.37
CA SER A 179 24.33 -16.76 -2.46
C SER A 179 25.44 -16.98 -1.44
N LEU A 180 25.32 -18.09 -0.72
CA LEU A 180 26.30 -18.51 0.25
C LEU A 180 26.54 -19.99 0.06
N THR A 181 27.63 -20.49 0.63
CA THR A 181 27.80 -21.93 0.78
C THR A 181 27.12 -22.38 2.07
N PRO A 182 26.68 -23.64 2.17
CA PRO A 182 26.20 -24.17 3.44
C PRO A 182 27.18 -23.85 4.56
N GLU A 183 28.48 -23.91 4.28
CA GLU A 183 29.48 -23.73 5.31
C GLU A 183 29.48 -22.30 5.81
N GLN A 184 29.46 -21.34 4.88
CA GLN A 184 29.36 -19.92 5.23
C GLN A 184 28.12 -19.69 6.09
N TRP A 185 26.98 -20.25 5.67
CA TRP A 185 25.71 -20.06 6.34
C TRP A 185 25.81 -20.50 7.79
N LYS A 186 26.40 -21.69 8.01
CA LYS A 186 26.44 -22.30 9.33
C LYS A 186 27.54 -21.68 10.19
N SER A 187 28.39 -20.82 9.62
CA SER A 187 29.57 -20.34 10.32
C SER A 187 29.42 -18.88 10.77
N HIS A 188 28.20 -18.32 10.70
CA HIS A 188 27.94 -16.94 11.11
C HIS A 188 26.75 -16.88 12.07
N ARG A 189 26.70 -15.86 12.93
CA ARG A 189 25.62 -15.66 13.90
C ARG A 189 24.30 -15.30 13.20
N SER A 190 24.38 -14.39 12.20
CA SER A 190 23.20 -13.83 11.56
C SER A 190 23.55 -13.28 10.18
N TYR A 191 22.54 -13.27 9.30
CA TYR A 191 22.59 -12.55 8.04
C TYR A 191 21.43 -11.55 7.99
N SER A 192 21.66 -10.38 7.39
CA SER A 192 20.67 -9.32 7.40
C SER A 192 20.48 -8.75 6.00
N CYS A 193 19.22 -8.51 5.62
CA CYS A 193 18.87 -7.74 4.45
C CYS A 193 18.38 -6.35 4.88
N GLN A 194 19.12 -5.31 4.50
CA GLN A 194 18.87 -3.96 4.97
C GLN A 194 18.42 -3.10 3.78
N VAL A 195 17.18 -2.60 3.85
CA VAL A 195 16.57 -1.88 2.74
C VAL A 195 16.35 -0.42 3.11
N THR A 196 16.90 0.50 2.30
CA THR A 196 16.79 1.93 2.53
C THR A 196 15.85 2.56 1.50
N HIS A 197 14.94 3.39 2.01
CA HIS A 197 13.93 4.03 1.19
C HIS A 197 13.53 5.34 1.84
N GLU A 198 13.63 6.42 1.05
CA GLU A 198 13.28 7.77 1.48
C GLU A 198 13.94 8.08 2.83
N GLY A 199 15.17 7.58 3.04
CA GLY A 199 15.95 7.88 4.23
C GLY A 199 15.59 7.05 5.46
N SER A 200 14.61 6.15 5.32
CA SER A 200 14.30 5.19 6.38
C SER A 200 14.93 3.86 6.00
N THR A 201 15.51 3.15 6.98
CA THR A 201 16.04 1.82 6.75
C THR A 201 15.22 0.79 7.52
N VAL A 202 14.86 -0.29 6.81
CA VAL A 202 14.26 -1.47 7.40
C VAL A 202 15.30 -2.58 7.34
N GLU A 203 15.46 -3.31 8.44
CA GLU A 203 16.36 -4.45 8.51
C GLU A 203 15.59 -5.70 8.96
N LYS A 204 15.73 -6.79 8.18
CA LYS A 204 15.28 -8.10 8.60
C LYS A 204 16.51 -8.99 8.77
N THR A 205 16.47 -9.88 9.78
CA THR A 205 17.59 -10.72 10.14
C THR A 205 17.16 -12.19 10.20
N VAL A 206 18.02 -13.11 9.72
CA VAL A 206 17.82 -14.56 9.88
C VAL A 206 19.10 -15.18 10.43
N ALA A 207 18.96 -16.34 11.08
CA ALA A 207 20.06 -17.01 11.75
C ALA A 207 20.03 -18.53 11.48
N PRO A 208 21.20 -19.22 11.44
CA PRO A 208 21.23 -20.68 11.39
C PRO A 208 20.74 -21.25 12.71
N THR A 209 19.85 -22.25 12.64
CA THR A 209 19.28 -22.88 13.83
C THR A 209 19.16 -24.39 13.61
N SER B 1 -27.56 -13.07 33.07
CA SER B 1 -26.35 -12.81 33.91
C SER B 1 -25.17 -13.67 33.46
N PHE B 2 -25.43 -14.83 32.82
CA PHE B 2 -24.33 -15.72 32.41
C PHE B 2 -23.52 -15.06 31.29
N GLU B 3 -22.28 -15.52 31.08
CA GLU B 3 -21.40 -14.91 30.09
C GLU B 3 -21.12 -15.91 28.96
N LEU B 4 -21.34 -15.49 27.71
CA LEU B 4 -21.02 -16.30 26.55
C LEU B 4 -19.65 -15.89 26.02
N THR B 5 -18.66 -16.78 26.15
CA THR B 5 -17.28 -16.51 25.80
C THR B 5 -17.00 -16.92 24.36
N GLN B 6 -16.49 -15.98 23.54
CA GLN B 6 -16.07 -16.25 22.18
C GLN B 6 -14.56 -16.02 22.06
N PRO B 7 -13.88 -16.65 21.09
CA PRO B 7 -12.50 -16.28 20.76
C PRO B 7 -12.53 -14.88 20.14
N PRO B 8 -11.61 -13.97 20.51
CA PRO B 8 -11.66 -12.62 19.97
C PRO B 8 -11.46 -12.54 18.46
N SER B 9 -10.67 -13.45 17.87
CA SER B 9 -10.26 -13.23 16.49
C SER B 9 -9.94 -14.54 15.77
N VAL B 10 -10.42 -14.62 14.54
CA VAL B 10 -10.16 -15.75 13.66
C VAL B 10 -9.79 -15.20 12.28
N SER B 11 -8.61 -15.60 11.77
CA SER B 11 -8.21 -15.25 10.42
C SER B 11 -8.26 -16.49 9.52
N VAL B 12 -8.72 -16.29 8.27
CA VAL B 12 -8.72 -17.35 7.27
C VAL B 12 -8.35 -16.77 5.91
N SER B 13 -7.79 -17.63 5.04
CA SER B 13 -7.66 -17.36 3.63
C SER B 13 -8.99 -17.61 2.93
N PRO B 14 -9.31 -16.89 1.83
CA PRO B 14 -10.51 -17.17 1.05
C PRO B 14 -10.56 -18.65 0.66
N GLY B 15 -11.75 -19.24 0.80
CA GLY B 15 -11.95 -20.64 0.50
C GLY B 15 -11.83 -21.56 1.72
N GLN B 16 -11.06 -21.17 2.76
CA GLN B 16 -10.91 -21.97 3.98
C GLN B 16 -12.19 -21.89 4.86
N THR B 17 -12.22 -22.76 5.87
CA THR B 17 -13.33 -22.86 6.79
C THR B 17 -13.05 -21.98 8.00
N ALA B 18 -14.03 -21.16 8.36
CA ALA B 18 -13.95 -20.41 9.59
C ALA B 18 -14.81 -21.13 10.64
N SER B 19 -14.19 -21.45 11.79
CA SER B 19 -14.86 -21.98 12.94
C SER B 19 -14.86 -20.95 14.07
N ILE B 20 -16.07 -20.50 14.44
CA ILE B 20 -16.24 -19.58 15.54
C ILE B 20 -17.01 -20.32 16.65
N THR B 21 -16.45 -20.33 17.86
CA THR B 21 -17.08 -21.00 19.00
C THR B 21 -17.72 -20.01 19.96
N CYS B 22 -18.72 -20.48 20.71
CA CYS B 22 -19.41 -19.71 21.73
C CYS B 22 -19.69 -20.62 22.92
N SER B 23 -19.12 -20.31 24.09
CA SER B 23 -19.15 -21.25 25.21
C SER B 23 -19.84 -20.63 26.42
N GLY B 24 -20.58 -21.48 27.15
CA GLY B 24 -21.47 -21.05 28.21
C GLY B 24 -22.17 -22.25 28.84
N ASP B 25 -22.34 -22.23 30.18
CA ASP B 25 -22.87 -23.37 30.91
C ASP B 25 -24.27 -23.79 30.45
N LYS B 26 -25.20 -22.83 30.34
CA LYS B 26 -26.60 -23.16 30.03
C LYS B 26 -26.80 -23.40 28.53
N LEU B 27 -25.75 -23.26 27.71
CA LEU B 27 -25.87 -23.40 26.25
C LEU B 27 -26.45 -24.77 25.86
N GLY B 28 -26.13 -25.81 26.63
CA GLY B 28 -26.67 -27.13 26.39
C GLY B 28 -28.19 -27.18 26.50
N ASP B 29 -28.76 -26.42 27.43
CA ASP B 29 -30.20 -26.45 27.69
C ASP B 29 -30.92 -25.34 26.89
N ILE B 30 -30.18 -24.39 26.31
CA ILE B 30 -30.80 -23.26 25.60
C ILE B 30 -30.40 -23.27 24.12
N TYR B 31 -30.98 -22.38 23.31
CA TYR B 31 -30.68 -22.28 21.88
C TYR B 31 -29.71 -21.14 21.62
N ALA B 32 -28.79 -21.32 20.66
CA ALA B 32 -27.84 -20.28 20.29
C ALA B 32 -28.22 -19.65 18.95
N SER B 33 -28.03 -18.34 18.86
CA SER B 33 -28.20 -17.59 17.64
C SER B 33 -26.88 -16.92 17.29
N TRP B 34 -26.71 -16.64 15.99
CA TRP B 34 -25.50 -16.00 15.49
C TRP B 34 -25.89 -14.80 14.63
N TYR B 35 -25.29 -13.66 14.97
CA TYR B 35 -25.48 -12.39 14.27
C TYR B 35 -24.16 -11.97 13.62
N GLN B 36 -24.27 -11.46 12.39
CA GLN B 36 -23.13 -11.01 11.61
C GLN B 36 -23.20 -9.50 11.53
N GLN B 37 -22.06 -8.82 11.78
CA GLN B 37 -22.05 -7.37 11.72
C GLN B 37 -20.82 -6.89 10.97
N LYS B 38 -21.08 -6.39 9.76
CA LYS B 38 -20.03 -5.78 8.97
C LYS B 38 -19.93 -4.32 9.39
N PRO B 39 -18.74 -3.67 9.25
CA PRO B 39 -18.55 -2.28 9.68
C PRO B 39 -19.57 -1.28 9.11
N GLY B 40 -19.99 -0.34 9.95
CA GLY B 40 -20.98 0.64 9.55
C GLY B 40 -22.42 0.11 9.50
N GLN B 41 -22.66 -1.17 9.77
CA GLN B 41 -23.95 -1.75 9.45
C GLN B 41 -24.61 -2.35 10.69
N SER B 42 -25.92 -2.56 10.56
CA SER B 42 -26.69 -3.18 11.62
C SER B 42 -26.36 -4.67 11.64
N PRO B 43 -26.50 -5.36 12.79
CA PRO B 43 -26.38 -6.82 12.83
C PRO B 43 -27.43 -7.50 11.97
N VAL B 44 -27.05 -8.68 11.46
CA VAL B 44 -27.93 -9.51 10.65
C VAL B 44 -27.85 -10.93 11.20
N VAL B 45 -28.99 -11.58 11.33
CA VAL B 45 -29.01 -12.96 11.81
C VAL B 45 -28.60 -13.89 10.66
N VAL B 46 -27.72 -14.85 10.95
CA VAL B 46 -27.26 -15.83 9.98
C VAL B 46 -27.62 -17.25 10.40
N ILE B 47 -27.64 -17.50 11.72
CA ILE B 47 -28.09 -18.76 12.30
C ILE B 47 -29.02 -18.51 13.50
N PHE B 48 -30.13 -19.28 13.57
CA PHE B 48 -30.93 -19.33 14.79
C PHE B 48 -31.19 -20.76 15.22
N GLN B 49 -31.73 -20.88 16.45
CA GLN B 49 -32.10 -22.16 17.05
C GLN B 49 -30.99 -23.19 16.80
N ASP B 50 -29.75 -22.80 17.13
CA ASP B 50 -28.55 -23.63 17.05
C ASP B 50 -28.07 -23.83 15.61
N ASN B 51 -28.96 -24.23 14.68
CA ASN B 51 -28.49 -24.70 13.39
C ASN B 51 -29.41 -24.32 12.23
N LYS B 52 -30.34 -23.37 12.42
CA LYS B 52 -31.25 -23.01 11.35
C LYS B 52 -30.75 -21.72 10.68
N ARG B 53 -30.95 -21.67 9.36
CA ARG B 53 -30.62 -20.51 8.56
C ARG B 53 -31.88 -19.74 8.17
N PRO B 54 -31.94 -18.41 8.37
CA PRO B 54 -32.97 -17.58 7.77
C PRO B 54 -32.94 -17.75 6.25
N SER B 55 -34.10 -17.53 5.62
CA SER B 55 -34.30 -17.86 4.22
C SER B 55 -33.18 -17.33 3.33
N GLY B 56 -32.73 -16.09 3.53
CA GLY B 56 -31.80 -15.47 2.59
C GLY B 56 -30.33 -15.84 2.82
N VAL B 57 -29.99 -16.45 3.96
CA VAL B 57 -28.61 -16.66 4.36
C VAL B 57 -28.02 -17.76 3.47
N PRO B 58 -26.76 -17.59 2.96
CA PRO B 58 -26.12 -18.61 2.12
C PRO B 58 -25.85 -19.93 2.86
N GLU B 59 -25.79 -21.02 2.09
CA GLU B 59 -25.74 -22.35 2.65
C GLU B 59 -24.40 -22.60 3.37
N ARG B 60 -23.35 -21.84 2.99
CA ARG B 60 -22.01 -22.08 3.55
C ARG B 60 -21.95 -21.74 5.04
N PHE B 61 -22.97 -21.02 5.56
CA PHE B 61 -23.15 -20.80 6.99
C PHE B 61 -23.89 -21.99 7.59
N SER B 62 -23.36 -22.50 8.71
CA SER B 62 -23.97 -23.61 9.45
C SER B 62 -23.67 -23.47 10.95
N GLY B 63 -24.46 -24.15 11.79
CA GLY B 63 -24.19 -24.13 13.23
C GLY B 63 -24.48 -25.45 13.92
N SER B 64 -23.89 -25.66 15.10
CA SER B 64 -24.24 -26.74 16.02
C SER B 64 -23.99 -26.27 17.44
N ASN B 65 -24.80 -26.79 18.38
CA ASN B 65 -24.63 -26.58 19.82
C ASN B 65 -24.65 -27.93 20.54
N SER B 66 -23.53 -28.25 21.20
CA SER B 66 -23.38 -29.49 21.94
C SER B 66 -22.35 -29.28 23.04
N GLY B 67 -22.65 -29.80 24.23
CA GLY B 67 -21.65 -29.89 25.29
C GLY B 67 -21.26 -28.51 25.78
N ASN B 68 -22.25 -27.62 25.84
CA ASN B 68 -22.08 -26.28 26.36
C ASN B 68 -21.15 -25.43 25.48
N THR B 69 -21.02 -25.83 24.20
CA THR B 69 -20.32 -25.03 23.20
C THR B 69 -21.15 -24.98 21.92
N ALA B 70 -21.41 -23.76 21.42
CA ALA B 70 -22.06 -23.59 20.14
C ALA B 70 -21.02 -23.12 19.13
N THR B 71 -21.11 -23.62 17.90
CA THR B 71 -20.11 -23.33 16.88
C THR B 71 -20.79 -22.82 15.62
N LEU B 72 -20.30 -21.70 15.09
CA LEU B 72 -20.65 -21.26 13.76
C LEU B 72 -19.54 -21.65 12.78
N THR B 73 -19.93 -22.34 11.70
CA THR B 73 -19.03 -22.75 10.63
C THR B 73 -19.33 -21.97 9.35
N ILE B 74 -18.30 -21.32 8.79
CA ILE B 74 -18.38 -20.73 7.46
C ILE B 74 -17.50 -21.53 6.51
N SER B 75 -18.13 -22.33 5.64
CA SER B 75 -17.43 -23.05 4.58
C SER B 75 -17.05 -22.09 3.46
N GLY B 76 -15.91 -22.36 2.81
CA GLY B 76 -15.51 -21.61 1.64
C GLY B 76 -15.64 -20.11 1.86
N THR B 77 -15.05 -19.63 2.97
CA THR B 77 -15.27 -18.27 3.44
C THR B 77 -14.92 -17.32 2.31
N GLN B 78 -15.83 -16.36 2.04
CA GLN B 78 -15.58 -15.33 1.05
C GLN B 78 -15.20 -14.01 1.74
N ALA B 79 -14.62 -13.09 0.95
CA ALA B 79 -14.20 -11.80 1.45
C ALA B 79 -15.38 -11.00 2.01
N LEU B 80 -16.55 -11.12 1.38
CA LEU B 80 -17.80 -10.56 1.86
C LEU B 80 -18.22 -11.11 3.24
N ASP B 81 -17.78 -12.32 3.62
CA ASP B 81 -18.14 -12.89 4.91
C ASP B 81 -17.30 -12.28 6.03
N GLU B 82 -16.41 -11.32 5.71
CA GLU B 82 -15.61 -10.68 6.74
C GLU B 82 -16.48 -9.74 7.57
N ALA B 83 -16.52 -9.99 8.89
CA ALA B 83 -17.40 -9.30 9.82
C ALA B 83 -17.09 -9.69 11.26
N ASP B 84 -17.65 -8.93 12.22
CA ASP B 84 -17.74 -9.35 13.61
C ASP B 84 -18.94 -10.28 13.79
N TYR B 85 -18.72 -11.49 14.34
CA TYR B 85 -19.79 -12.44 14.59
C TYR B 85 -20.03 -12.58 16.09
N TYR B 86 -21.32 -12.52 16.48
CA TYR B 86 -21.74 -12.55 17.87
C TYR B 86 -22.74 -13.67 18.06
N CYS B 87 -22.47 -14.57 19.02
CA CYS B 87 -23.48 -15.51 19.46
C CYS B 87 -24.41 -14.85 20.49
N GLN B 88 -25.65 -15.37 20.58
CA GLN B 88 -26.65 -14.85 21.51
C GLN B 88 -27.45 -16.01 22.09
N ALA B 89 -27.85 -15.90 23.38
CA ALA B 89 -28.72 -16.87 24.03
C ALA B 89 -29.57 -16.18 25.10
N TRP B 90 -30.67 -16.79 25.53
CA TRP B 90 -31.51 -16.26 26.60
C TRP B 90 -31.07 -16.80 27.97
N ASP B 91 -30.63 -15.92 28.88
CA ASP B 91 -30.59 -16.25 30.30
C ASP B 91 -31.93 -15.86 30.94
N THR B 92 -32.81 -16.84 31.12
CA THR B 92 -34.21 -16.57 31.49
C THR B 92 -34.75 -15.46 30.59
N SER B 93 -34.82 -14.22 31.11
CA SER B 93 -35.42 -13.10 30.41
C SER B 93 -34.37 -12.12 29.86
N THR B 94 -33.12 -12.30 30.31
CA THR B 94 -31.97 -11.50 29.89
C THR B 94 -31.37 -12.09 28.61
N SER B 95 -31.30 -11.27 27.55
CA SER B 95 -30.60 -11.65 26.34
C SER B 95 -29.11 -11.39 26.54
N VAL B 96 -28.31 -12.39 26.19
CA VAL B 96 -26.87 -12.34 26.38
C VAL B 96 -26.20 -12.47 25.01
N PHE B 97 -25.41 -11.46 24.65
CA PHE B 97 -24.53 -11.58 23.50
C PHE B 97 -23.15 -12.04 23.94
N GLY B 98 -22.48 -12.82 23.07
CA GLY B 98 -21.11 -13.22 23.31
C GLY B 98 -20.12 -12.06 23.15
N THR B 99 -18.87 -12.31 23.57
CA THR B 99 -17.81 -11.31 23.56
C THR B 99 -17.54 -10.82 22.13
N GLY B 100 -17.89 -11.61 21.11
CA GLY B 100 -17.64 -11.21 19.73
C GLY B 100 -16.35 -11.83 19.19
N THR B 101 -16.40 -12.22 17.90
CA THR B 101 -15.24 -12.72 17.18
C THR B 101 -15.08 -11.93 15.88
N LYS B 102 -13.90 -11.32 15.69
CA LYS B 102 -13.51 -10.69 14.44
C LYS B 102 -13.05 -11.76 13.46
N VAL B 103 -13.80 -11.91 12.37
CA VAL B 103 -13.37 -12.80 11.29
C VAL B 103 -12.71 -11.97 10.21
N THR B 104 -11.37 -12.07 10.12
CA THR B 104 -10.66 -11.44 9.01
C THR B 104 -10.47 -12.48 7.91
N VAL B 105 -10.82 -12.10 6.67
CA VAL B 105 -10.51 -12.90 5.49
C VAL B 105 -9.31 -12.23 4.83
N LEU B 106 -8.17 -12.95 4.74
CA LEU B 106 -6.93 -12.44 4.15
C LEU B 106 -7.03 -12.36 2.63
N GLY B 107 -7.53 -11.24 2.11
CA GLY B 107 -7.72 -11.03 0.69
C GLY B 107 -6.65 -10.12 0.07
N GLN B 108 -5.53 -9.97 0.78
CA GLN B 108 -4.48 -9.04 0.37
C GLN B 108 -3.18 -9.50 1.02
N PRO B 109 -2.01 -9.37 0.37
CA PRO B 109 -0.74 -9.67 1.03
C PRO B 109 -0.54 -8.82 2.27
N LYS B 110 0.30 -9.27 3.20
CA LYS B 110 0.62 -8.50 4.41
C LYS B 110 1.41 -7.26 4.02
N ALA B 111 1.16 -6.13 4.72
CA ALA B 111 1.90 -4.90 4.49
C ALA B 111 2.25 -4.27 5.84
N ASN B 112 3.56 -4.11 6.13
CA ASN B 112 4.01 -3.49 7.37
C ASN B 112 3.69 -1.99 7.32
N PRO B 113 3.52 -1.31 8.48
CA PRO B 113 3.08 0.09 8.48
C PRO B 113 4.14 1.14 8.15
N THR B 114 3.73 2.24 7.50
CA THR B 114 4.63 3.38 7.29
C THR B 114 4.39 4.33 8.46
N VAL B 115 5.42 4.61 9.27
CA VAL B 115 5.24 5.42 10.48
C VAL B 115 5.91 6.80 10.31
N THR B 116 5.18 7.89 10.57
CA THR B 116 5.75 9.24 10.55
C THR B 116 5.54 9.90 11.91
N LEU B 117 6.62 10.43 12.51
CA LEU B 117 6.52 11.04 13.82
C LEU B 117 6.94 12.49 13.72
N PHE B 118 6.05 13.40 14.13
CA PHE B 118 6.34 14.83 14.13
C PHE B 118 6.54 15.31 15.57
N PRO B 119 7.50 16.22 15.83
CA PRO B 119 7.66 16.81 17.15
C PRO B 119 6.65 17.92 17.40
N PRO B 120 6.59 18.48 18.63
CA PRO B 120 5.78 19.67 18.90
C PRO B 120 6.21 20.85 18.03
N SER B 121 5.24 21.56 17.48
CA SER B 121 5.51 22.77 16.71
C SER B 121 5.94 23.90 17.63
N SER B 122 6.69 24.87 17.09
CA SER B 122 7.14 25.99 17.90
C SER B 122 5.94 26.83 18.37
N GLU B 123 4.89 26.90 17.53
N GLU B 123 4.91 26.94 17.53
CA GLU B 123 3.70 27.68 17.85
CA GLU B 123 3.71 27.70 17.87
C GLU B 123 2.98 27.05 19.03
C GLU B 123 3.00 27.05 19.05
N GLU B 124 2.95 25.71 19.05
CA GLU B 124 2.27 24.99 20.11
C GLU B 124 3.05 25.20 21.41
N LEU B 125 4.38 25.11 21.33
CA LEU B 125 5.20 25.35 22.50
C LEU B 125 4.99 26.77 23.02
N GLN B 126 4.76 27.73 22.11
CA GLN B 126 4.50 29.12 22.48
C GLN B 126 3.17 29.24 23.22
N ALA B 127 2.23 28.34 22.95
CA ALA B 127 0.98 28.28 23.67
C ALA B 127 1.09 27.36 24.89
N ASN B 128 2.32 27.02 25.29
CA ASN B 128 2.60 26.29 26.53
C ASN B 128 1.96 24.89 26.48
N LYS B 129 1.97 24.27 25.30
CA LYS B 129 1.53 22.90 25.10
C LYS B 129 2.51 22.16 24.18
N ALA B 130 2.42 20.82 24.14
CA ALA B 130 3.32 19.99 23.36
C ALA B 130 2.63 18.68 22.99
N THR B 131 2.40 18.47 21.69
CA THR B 131 1.79 17.25 21.19
C THR B 131 2.76 16.55 20.22
N LEU B 132 3.11 15.30 20.51
CA LEU B 132 3.79 14.44 19.57
C LEU B 132 2.76 13.65 18.75
N VAL B 133 2.92 13.67 17.42
CA VAL B 133 1.96 13.08 16.50
C VAL B 133 2.64 11.93 15.77
N CYS B 134 2.12 10.72 16.00
CA CYS B 134 2.62 9.53 15.36
C CYS B 134 1.56 8.94 14.44
N LEU B 135 1.84 8.96 13.14
CA LEU B 135 0.89 8.59 12.10
C LEU B 135 1.31 7.30 11.40
N ILE B 136 0.39 6.33 11.38
CA ILE B 136 0.64 4.96 10.98
C ILE B 136 -0.24 4.68 9.77
N SER B 137 0.37 4.27 8.63
CA SER B 137 -0.39 4.12 7.40
C SER B 137 -0.06 2.83 6.65
N ASP B 138 -1.00 2.45 5.78
CA ASP B 138 -0.74 1.44 4.76
C ASP B 138 -0.30 0.14 5.40
N PHE B 139 -1.02 -0.32 6.44
CA PHE B 139 -0.69 -1.59 7.07
C PHE B 139 -1.84 -2.56 6.89
N TYR B 140 -1.46 -3.82 6.68
CA TYR B 140 -2.44 -4.88 6.57
C TYR B 140 -1.81 -6.14 7.13
N PRO B 141 -2.52 -6.89 7.99
CA PRO B 141 -3.89 -6.58 8.38
C PRO B 141 -4.02 -5.43 9.37
N GLY B 142 -5.27 -5.15 9.77
CA GLY B 142 -5.63 -3.92 10.44
C GLY B 142 -5.56 -4.05 11.96
N ALA B 143 -4.36 -4.38 12.46
CA ALA B 143 -4.11 -4.44 13.89
C ALA B 143 -2.66 -4.02 14.17
N VAL B 144 -2.51 -3.08 15.10
CA VAL B 144 -1.22 -2.58 15.54
C VAL B 144 -1.28 -2.34 17.04
N THR B 145 -0.09 -2.32 17.64
CA THR B 145 0.12 -1.82 19.00
C THR B 145 1.14 -0.69 18.93
N VAL B 146 0.84 0.40 19.62
CA VAL B 146 1.71 1.56 19.68
C VAL B 146 2.23 1.66 21.09
N ALA B 147 3.52 2.01 21.22
CA ALA B 147 4.16 2.24 22.50
C ALA B 147 5.05 3.48 22.41
N TRP B 148 5.00 4.32 23.45
CA TRP B 148 5.81 5.53 23.51
C TRP B 148 6.94 5.34 24.53
N LYS B 149 8.10 5.92 24.21
CA LYS B 149 9.27 5.83 25.05
C LYS B 149 9.82 7.24 25.25
N ALA B 150 10.33 7.52 26.46
CA ALA B 150 11.12 8.71 26.72
C ALA B 150 12.54 8.28 27.08
N ASP B 151 13.51 8.60 26.21
CA ASP B 151 14.88 8.14 26.38
C ASP B 151 14.87 6.62 26.59
N GLY B 152 14.05 5.92 25.80
CA GLY B 152 13.91 4.47 25.86
C GLY B 152 13.28 3.98 27.17
N SER B 153 12.48 4.81 27.84
CA SER B 153 11.75 4.38 29.02
C SER B 153 10.25 4.51 28.73
N PRO B 154 9.41 3.50 29.05
CA PRO B 154 8.00 3.53 28.66
C PRO B 154 7.22 4.72 29.18
N VAL B 155 6.33 5.28 28.34
CA VAL B 155 5.42 6.36 28.70
C VAL B 155 3.98 5.95 28.38
N LYS B 156 3.15 5.83 29.42
CA LYS B 156 1.77 5.32 29.34
C LYS B 156 0.75 6.46 29.45
N ALA B 157 1.14 7.53 30.16
CA ALA B 157 0.30 8.69 30.41
C ALA B 157 0.39 9.70 29.27
N GLY B 158 -0.77 10.31 28.96
CA GLY B 158 -0.89 11.34 27.95
C GLY B 158 -1.06 10.78 26.53
N VAL B 159 -1.30 9.46 26.45
CA VAL B 159 -1.39 8.75 25.18
C VAL B 159 -2.85 8.61 24.77
N GLU B 160 -3.16 9.07 23.55
CA GLU B 160 -4.46 8.86 22.90
C GLU B 160 -4.19 8.21 21.54
N THR B 161 -4.55 6.93 21.44
CA THR B 161 -4.35 6.15 20.22
C THR B 161 -5.72 5.83 19.63
N THR B 162 -5.87 6.07 18.32
CA THR B 162 -7.08 5.72 17.61
C THR B 162 -7.09 4.21 17.38
N LYS B 163 -8.26 3.68 17.06
CA LYS B 163 -8.38 2.30 16.61
C LYS B 163 -8.17 2.31 15.11
N PRO B 164 -7.56 1.26 14.55
CA PRO B 164 -7.25 1.23 13.13
C PRO B 164 -8.52 1.39 12.31
N SER B 165 -8.38 2.09 11.18
CA SER B 165 -9.50 2.39 10.30
C SER B 165 -9.10 2.07 8.87
N LYS B 166 -10.03 1.50 8.10
CA LYS B 166 -9.74 1.07 6.74
C LYS B 166 -9.59 2.29 5.84
N GLN B 167 -8.45 2.34 5.14
CA GLN B 167 -8.19 3.38 4.16
C GLN B 167 -8.95 3.03 2.88
N SER B 168 -9.01 3.99 1.96
CA SER B 168 -9.71 3.79 0.70
C SER B 168 -9.05 2.68 -0.13
N ASN B 169 -7.72 2.48 0.02
CA ASN B 169 -6.98 1.43 -0.68
C ASN B 169 -7.08 0.06 0.01
N ASN B 170 -7.94 -0.08 1.04
CA ASN B 170 -8.20 -1.33 1.75
C ASN B 170 -7.07 -1.72 2.70
N LYS B 171 -6.08 -0.85 2.86
CA LYS B 171 -5.15 -0.96 3.96
C LYS B 171 -5.71 -0.16 5.13
N TYR B 172 -4.98 -0.13 6.25
CA TYR B 172 -5.49 0.48 7.47
C TYR B 172 -4.58 1.62 7.88
N ALA B 173 -5.16 2.57 8.59
CA ALA B 173 -4.43 3.65 9.23
C ALA B 173 -4.77 3.74 10.72
N ALA B 174 -3.87 4.38 11.47
CA ALA B 174 -4.09 4.67 12.88
C ALA B 174 -3.24 5.88 13.25
N SER B 175 -3.57 6.53 14.38
CA SER B 175 -2.84 7.67 14.91
C SER B 175 -2.65 7.49 16.42
N SER B 176 -1.50 7.99 16.91
CA SER B 176 -1.28 8.09 18.34
C SER B 176 -0.71 9.46 18.63
N TYR B 177 -1.19 10.06 19.74
CA TYR B 177 -0.82 11.39 20.18
C TYR B 177 -0.30 11.27 21.61
N LEU B 178 0.86 11.88 21.87
CA LEU B 178 1.40 12.00 23.22
C LEU B 178 1.39 13.48 23.62
N SER B 179 0.65 13.80 24.69
CA SER B 179 0.63 15.14 25.24
C SER B 179 1.69 15.26 26.34
N LEU B 180 2.47 16.32 26.24
CA LEU B 180 3.54 16.63 27.18
C LEU B 180 3.46 18.11 27.51
N THR B 181 4.16 18.49 28.57
CA THR B 181 4.40 19.89 28.82
C THR B 181 5.66 20.33 28.08
N PRO B 182 5.77 21.62 27.71
CA PRO B 182 7.01 22.13 27.13
C PRO B 182 8.22 21.68 27.93
N GLU B 183 8.08 21.66 29.26
CA GLU B 183 9.17 21.39 30.17
C GLU B 183 9.59 19.92 30.03
N GLN B 184 8.61 19.01 30.04
CA GLN B 184 8.86 17.59 29.85
C GLN B 184 9.60 17.37 28.53
N TRP B 185 9.08 18.01 27.48
CA TRP B 185 9.62 17.83 26.14
C TRP B 185 11.10 18.20 26.10
N LYS B 186 11.46 19.33 26.73
CA LYS B 186 12.81 19.87 26.68
C LYS B 186 13.73 19.15 27.66
N SER B 187 13.17 18.33 28.56
CA SER B 187 13.95 17.76 29.65
C SER B 187 14.34 16.30 29.37
N HIS B 188 14.12 15.83 28.13
CA HIS B 188 14.46 14.48 27.70
C HIS B 188 15.23 14.57 26.38
N ARG B 189 16.17 13.63 26.15
CA ARG B 189 16.99 13.67 24.94
C ARG B 189 16.19 13.26 23.71
N SER B 190 15.31 12.25 23.86
CA SER B 190 14.52 11.76 22.73
C SER B 190 13.18 11.20 23.18
N TYR B 191 12.20 11.28 22.28
CA TYR B 191 10.92 10.59 22.43
C TYR B 191 10.73 9.69 21.22
N SER B 192 10.13 8.51 21.43
CA SER B 192 10.01 7.50 20.39
C SER B 192 8.57 7.00 20.30
N CYS B 193 8.08 6.85 19.08
CA CYS B 193 6.85 6.14 18.79
C CYS B 193 7.17 4.77 18.19
N GLN B 194 6.79 3.71 18.88
CA GLN B 194 7.21 2.35 18.53
C GLN B 194 5.98 1.53 18.16
N VAL B 195 5.90 1.10 16.91
CA VAL B 195 4.69 0.51 16.34
C VAL B 195 4.97 -0.95 15.97
N THR B 196 4.16 -1.87 16.53
CA THR B 196 4.33 -3.30 16.30
C THR B 196 3.17 -3.84 15.46
N HIS B 197 3.51 -4.61 14.43
CA HIS B 197 2.55 -5.14 13.47
C HIS B 197 3.07 -6.47 12.95
N GLU B 198 2.24 -7.51 13.10
CA GLU B 198 2.55 -8.87 12.67
C GLU B 198 3.96 -9.28 13.11
N GLY B 199 4.33 -8.89 14.34
CA GLY B 199 5.60 -9.30 14.92
C GLY B 199 6.75 -8.35 14.55
N SER B 200 6.50 -7.46 13.57
CA SER B 200 7.52 -6.52 13.14
C SER B 200 7.33 -5.19 13.87
N THR B 201 8.42 -4.60 14.37
CA THR B 201 8.34 -3.36 15.14
C THR B 201 9.11 -2.25 14.43
N VAL B 202 8.44 -1.12 14.14
CA VAL B 202 9.08 0.03 13.51
C VAL B 202 9.14 1.16 14.55
N GLU B 203 10.26 1.88 14.65
CA GLU B 203 10.42 2.92 15.67
C GLU B 203 10.87 4.24 15.04
N LYS B 204 10.14 5.33 15.32
CA LYS B 204 10.56 6.67 14.88
C LYS B 204 10.92 7.48 16.12
N THR B 205 11.96 8.33 16.03
CA THR B 205 12.46 9.07 17.18
C THR B 205 12.55 10.55 16.82
N VAL B 206 12.14 11.44 17.75
CA VAL B 206 12.32 12.87 17.60
C VAL B 206 12.99 13.42 18.86
N ALA B 207 13.63 14.58 18.70
CA ALA B 207 14.43 15.21 19.74
C ALA B 207 14.15 16.70 19.78
N PRO B 208 14.24 17.35 20.97
CA PRO B 208 14.18 18.81 21.06
C PRO B 208 15.43 19.39 20.39
N THR B 209 15.24 20.40 19.52
CA THR B 209 16.34 21.01 18.79
C THR B 209 16.13 22.53 18.69
N GLU C 1 -42.50 -3.67 3.49
CA GLU C 1 -41.10 -3.51 3.97
C GLU C 1 -41.08 -3.29 5.49
N VAL C 2 -40.66 -4.36 6.20
CA VAL C 2 -40.47 -4.35 7.64
C VAL C 2 -39.29 -3.45 7.99
N GLN C 3 -39.60 -2.37 8.73
CA GLN C 3 -38.61 -1.36 9.02
C GLN C 3 -38.80 -0.86 10.45
N LEU C 4 -37.68 -0.70 11.16
CA LEU C 4 -37.58 0.01 12.42
C LEU C 4 -36.69 1.23 12.23
N VAL C 5 -37.16 2.40 12.68
CA VAL C 5 -36.41 3.64 12.61
C VAL C 5 -36.30 4.25 14.00
N GLU C 6 -35.07 4.35 14.51
CA GLU C 6 -34.81 4.87 15.83
C GLU C 6 -34.71 6.39 15.75
N SER C 7 -35.13 7.11 16.79
CA SER C 7 -34.89 8.54 16.92
C SER C 7 -34.51 8.87 18.35
N GLY C 8 -34.07 10.12 18.54
CA GLY C 8 -33.94 10.72 19.86
C GLY C 8 -32.49 10.75 20.33
N GLY C 9 -31.61 10.12 19.56
CA GLY C 9 -30.19 10.22 19.82
C GLY C 9 -29.71 11.67 19.78
N GLY C 10 -28.57 11.91 20.41
CA GLY C 10 -27.88 13.18 20.27
C GLY C 10 -26.76 13.30 21.29
N LEU C 11 -26.19 14.51 21.41
CA LEU C 11 -25.33 14.81 22.54
C LEU C 11 -26.18 15.03 23.79
N VAL C 12 -25.72 14.45 24.90
CA VAL C 12 -26.34 14.69 26.18
C VAL C 12 -25.21 14.86 27.20
N GLN C 13 -25.41 15.78 28.14
CA GLN C 13 -24.46 16.01 29.21
C GLN C 13 -24.57 14.87 30.20
N PRO C 14 -23.47 14.45 30.86
CA PRO C 14 -23.55 13.44 31.92
C PRO C 14 -24.56 13.93 32.94
N GLY C 15 -25.41 13.02 33.43
CA GLY C 15 -26.40 13.36 34.45
C GLY C 15 -27.73 13.79 33.82
N GLY C 16 -27.75 13.98 32.51
CA GLY C 16 -28.95 14.39 31.81
C GLY C 16 -29.83 13.19 31.47
N SER C 17 -30.87 13.47 30.68
CA SER C 17 -31.84 12.47 30.30
C SER C 17 -32.10 12.57 28.81
N LEU C 18 -32.57 11.47 28.22
CA LEU C 18 -32.88 11.38 26.80
C LEU C 18 -34.08 10.46 26.63
N ARG C 19 -34.91 10.75 25.63
CA ARG C 19 -35.97 9.84 25.24
C ARG C 19 -35.72 9.30 23.83
N LEU C 20 -35.52 8.00 23.70
CA LEU C 20 -35.40 7.37 22.40
C LEU C 20 -36.75 6.79 21.96
N SER C 21 -37.01 6.78 20.66
CA SER C 21 -38.21 6.18 20.10
C SER C 21 -37.85 5.29 18.91
N CYS C 22 -38.78 4.43 18.55
CA CYS C 22 -38.56 3.46 17.50
C CYS C 22 -39.86 3.27 16.74
N ALA C 23 -39.88 3.78 15.50
CA ALA C 23 -41.08 3.72 14.68
C ALA C 23 -41.03 2.45 13.83
N ALA C 24 -42.10 1.66 13.90
CA ALA C 24 -42.15 0.40 13.18
C ALA C 24 -43.10 0.54 12.00
N SER C 25 -42.78 -0.17 10.91
CA SER C 25 -43.66 -0.30 9.76
C SER C 25 -43.49 -1.68 9.13
N GLY C 26 -44.50 -2.15 8.40
CA GLY C 26 -44.39 -3.37 7.60
C GLY C 26 -44.83 -4.65 8.34
N PHE C 27 -45.27 -4.50 9.59
CA PHE C 27 -45.69 -5.64 10.39
C PHE C 27 -46.67 -5.16 11.46
N THR C 28 -47.35 -6.10 12.14
CA THR C 28 -48.25 -5.74 13.22
C THR C 28 -47.43 -5.58 14.49
N PHE C 29 -47.12 -4.32 14.83
CA PHE C 29 -46.26 -3.99 15.96
C PHE C 29 -46.72 -4.73 17.23
N SER C 30 -48.03 -4.75 17.48
CA SER C 30 -48.56 -5.29 18.72
C SER C 30 -48.38 -6.82 18.84
N SER C 31 -48.04 -7.53 17.74
CA SER C 31 -47.87 -8.97 17.79
C SER C 31 -46.44 -9.35 18.18
N TYR C 32 -45.52 -8.41 18.31
CA TYR C 32 -44.14 -8.80 18.52
C TYR C 32 -43.51 -8.02 19.68
N ALA C 33 -42.64 -8.71 20.43
CA ALA C 33 -41.74 -8.03 21.34
C ALA C 33 -40.70 -7.26 20.54
N ILE C 34 -40.32 -6.10 21.09
CA ILE C 34 -39.27 -5.28 20.56
C ILE C 34 -38.24 -5.04 21.66
N HIS C 35 -36.95 -5.07 21.29
CA HIS C 35 -35.86 -4.93 22.24
C HIS C 35 -34.88 -3.83 21.84
N TRP C 36 -34.13 -3.32 22.81
CA TRP C 36 -33.10 -2.34 22.58
C TRP C 36 -31.75 -2.99 22.81
N VAL C 37 -30.85 -2.81 21.83
CA VAL C 37 -29.50 -3.34 21.88
C VAL C 37 -28.54 -2.19 21.59
N ARG C 38 -27.47 -2.09 22.38
CA ARG C 38 -26.58 -0.95 22.26
C ARG C 38 -25.18 -1.45 21.95
N GLN C 39 -24.35 -0.56 21.41
CA GLN C 39 -22.98 -0.85 21.05
C GLN C 39 -22.13 0.39 21.29
N ALA C 40 -21.26 0.31 22.31
CA ALA C 40 -20.35 1.39 22.63
C ALA C 40 -19.27 1.42 21.56
N PRO C 41 -18.71 2.60 21.24
CA PRO C 41 -17.76 2.73 20.14
C PRO C 41 -16.60 1.74 20.27
N GLY C 42 -16.45 0.90 19.23
CA GLY C 42 -15.38 -0.07 19.15
C GLY C 42 -15.57 -1.27 20.09
N LYS C 43 -16.80 -1.51 20.56
CA LYS C 43 -17.06 -2.58 21.53
C LYS C 43 -18.17 -3.49 21.03
N GLY C 44 -18.51 -4.52 21.81
CA GLY C 44 -19.45 -5.56 21.39
C GLY C 44 -20.90 -5.16 21.61
N LEU C 45 -21.81 -5.94 21.05
CA LEU C 45 -23.23 -5.73 21.25
C LEU C 45 -23.59 -6.00 22.72
N GLU C 46 -24.46 -5.15 23.27
CA GLU C 46 -24.88 -5.25 24.65
C GLU C 46 -26.39 -5.07 24.70
N TRP C 47 -27.10 -6.10 25.18
CA TRP C 47 -28.54 -6.02 25.29
C TRP C 47 -28.90 -5.06 26.43
N VAL C 48 -29.93 -4.24 26.22
CA VAL C 48 -30.26 -3.18 27.15
C VAL C 48 -31.59 -3.49 27.82
N SER C 49 -32.62 -3.65 26.99
CA SER C 49 -33.96 -3.84 27.49
C SER C 49 -34.86 -4.50 26.46
N GLY C 50 -35.92 -5.16 26.93
CA GLY C 50 -36.92 -5.79 26.09
C GLY C 50 -38.32 -5.67 26.67
N LEU C 51 -39.31 -5.65 25.77
CA LEU C 51 -40.72 -5.51 26.13
C LEU C 51 -41.57 -6.47 25.30
N SER C 52 -42.48 -7.18 25.96
CA SER C 52 -43.42 -8.06 25.27
C SER C 52 -44.37 -7.27 24.37
N GLY C 53 -45.08 -8.00 23.49
CA GLY C 53 -45.95 -7.40 22.51
C GLY C 53 -47.04 -6.52 23.12
N GLY C 54 -47.57 -6.97 24.25
CA GLY C 54 -48.63 -6.29 24.97
C GLY C 54 -48.11 -5.24 25.96
N GLY C 55 -46.79 -5.25 26.21
CA GLY C 55 -46.17 -4.31 27.13
C GLY C 55 -46.11 -4.84 28.56
N GLY C 56 -46.62 -6.06 28.79
CA GLY C 56 -46.76 -6.60 30.13
C GLY C 56 -45.42 -6.97 30.77
N ASP C 57 -44.62 -7.77 30.06
CA ASP C 57 -43.34 -8.23 30.57
C ASP C 57 -42.25 -7.27 30.13
N THR C 58 -41.57 -6.69 31.12
CA THR C 58 -40.53 -5.68 30.94
C THR C 58 -39.22 -6.25 31.49
N ASP C 59 -38.14 -6.20 30.71
CA ASP C 59 -36.87 -6.77 31.11
C ASP C 59 -35.75 -5.79 30.83
N TYR C 60 -34.79 -5.72 31.78
CA TYR C 60 -33.66 -4.79 31.70
C TYR C 60 -32.36 -5.51 32.05
N ALA C 61 -31.26 -5.05 31.45
CA ALA C 61 -29.93 -5.50 31.80
C ALA C 61 -29.56 -5.02 33.21
N ASP C 62 -28.77 -5.83 33.92
CA ASP C 62 -28.29 -5.49 35.25
C ASP C 62 -27.57 -4.14 35.24
N SER C 63 -26.86 -3.81 34.16
CA SER C 63 -26.11 -2.56 34.06
C SER C 63 -27.06 -1.35 34.09
N VAL C 64 -28.07 -1.33 33.20
CA VAL C 64 -28.97 -0.18 33.10
C VAL C 64 -29.78 -0.01 34.39
N LYS C 65 -29.93 -1.08 35.18
CA LYS C 65 -30.61 -1.01 36.47
C LYS C 65 -31.96 -0.30 36.33
N GLY C 66 -32.21 0.70 37.18
CA GLY C 66 -33.48 1.43 37.14
C GLY C 66 -33.35 2.79 36.48
N ARG C 67 -32.18 3.10 35.92
CA ARG C 67 -31.96 4.36 35.22
C ARG C 67 -32.74 4.39 33.90
N LEU C 68 -33.23 3.23 33.45
CA LEU C 68 -33.89 3.16 32.14
C LEU C 68 -35.31 2.60 32.28
N THR C 69 -36.24 3.16 31.48
CA THR C 69 -37.59 2.67 31.42
C THR C 69 -37.97 2.43 29.96
N ILE C 70 -38.37 1.20 29.64
CA ILE C 70 -38.89 0.87 28.32
C ILE C 70 -40.41 0.87 28.36
N SER C 71 -41.04 1.39 27.31
CA SER C 71 -42.49 1.42 27.18
C SER C 71 -42.86 1.36 25.71
N ARG C 72 -44.15 1.09 25.41
CA ARG C 72 -44.60 1.03 24.03
C ARG C 72 -46.05 1.51 23.98
N ASP C 73 -46.39 2.21 22.90
CA ASP C 73 -47.74 2.64 22.62
C ASP C 73 -48.15 1.97 21.30
N ASN C 74 -48.89 0.87 21.42
CA ASN C 74 -49.23 0.05 20.27
C ASN C 74 -50.13 0.83 19.29
N SER C 75 -50.95 1.76 19.82
CA SER C 75 -51.75 2.68 19.00
C SER C 75 -50.87 3.38 17.96
N LYS C 76 -49.66 3.80 18.36
CA LYS C 76 -48.78 4.63 17.55
C LYS C 76 -47.66 3.79 16.93
N LYS C 77 -47.74 2.46 17.05
CA LYS C 77 -46.75 1.56 16.46
C LYS C 77 -45.32 2.01 16.80
N THR C 78 -45.12 2.52 18.04
CA THR C 78 -43.85 3.08 18.48
C THR C 78 -43.41 2.50 19.83
N LEU C 79 -42.11 2.22 19.94
CA LEU C 79 -41.47 1.84 21.19
C LEU C 79 -40.68 3.03 21.74
N PHE C 80 -40.49 3.09 23.08
CA PHE C 80 -39.77 4.18 23.74
C PHE C 80 -38.74 3.64 24.73
N LEU C 81 -37.70 4.44 24.96
CA LEU C 81 -36.69 4.17 25.97
C LEU C 81 -36.38 5.48 26.67
N GLU C 82 -36.79 5.55 27.94
CA GLU C 82 -36.53 6.71 28.77
C GLU C 82 -35.20 6.43 29.47
N MET C 83 -34.24 7.31 29.26
CA MET C 83 -32.93 7.16 29.87
C MET C 83 -32.67 8.36 30.78
N ASN C 84 -32.37 8.11 32.07
CA ASN C 84 -32.15 9.17 33.04
C ASN C 84 -30.75 9.06 33.63
N ASN C 85 -30.30 10.13 34.28
CA ASN C 85 -28.97 10.14 34.88
C ASN C 85 -27.94 9.43 33.98
N LEU C 86 -27.77 9.94 32.76
CA LEU C 86 -26.92 9.27 31.78
C LEU C 86 -25.46 9.37 32.19
N ARG C 87 -24.76 8.25 32.01
CA ARG C 87 -23.35 8.15 32.31
C ARG C 87 -22.57 8.16 30.99
N PRO C 88 -21.27 8.53 31.00
CA PRO C 88 -20.43 8.39 29.81
C PRO C 88 -20.43 6.97 29.26
N GLU C 89 -20.60 5.98 30.14
CA GLU C 89 -20.67 4.55 29.82
C GLU C 89 -21.89 4.21 28.96
N ASP C 90 -22.87 5.12 28.89
CA ASP C 90 -24.07 4.93 28.09
C ASP C 90 -23.87 5.44 26.66
N THR C 91 -22.66 5.94 26.36
CA THR C 91 -22.36 6.40 25.03
C THR C 91 -22.33 5.18 24.12
N ALA C 92 -23.14 5.21 23.05
CA ALA C 92 -23.32 4.06 22.17
C ALA C 92 -24.26 4.39 21.00
N ILE C 93 -24.25 3.53 19.99
CA ILE C 93 -25.36 3.43 19.04
C ILE C 93 -26.43 2.55 19.68
N TYR C 94 -27.68 3.03 19.68
CA TYR C 94 -28.81 2.29 20.24
C TYR C 94 -29.62 1.78 19.06
N TYR C 95 -29.82 0.47 19.04
CA TYR C 95 -30.54 -0.21 17.98
C TYR C 95 -31.85 -0.73 18.57
N CYS C 96 -32.91 -0.54 17.81
CA CYS C 96 -34.20 -1.16 17.99
C CYS C 96 -34.23 -2.47 17.20
N ALA C 97 -34.63 -3.60 17.82
CA ALA C 97 -34.69 -4.90 17.15
C ALA C 97 -35.97 -5.64 17.53
N LYS C 98 -36.59 -6.28 16.52
CA LYS C 98 -37.87 -6.94 16.62
C LYS C 98 -37.64 -8.42 16.85
N LEU C 99 -38.26 -8.99 17.89
CA LEU C 99 -38.22 -10.43 18.10
C LEU C 99 -39.15 -11.15 17.11
N THR C 100 -38.95 -12.47 16.98
CA THR C 100 -39.77 -13.30 16.13
C THR C 100 -41.07 -13.68 16.83
N GLY C 101 -41.12 -13.46 18.16
CA GLY C 101 -42.23 -13.83 19.03
C GLY C 101 -42.82 -12.62 19.77
N TYR C 102 -43.93 -12.90 20.44
CA TYR C 102 -44.65 -11.95 21.27
C TYR C 102 -43.84 -11.60 22.52
N GLY C 103 -42.99 -12.54 22.95
CA GLY C 103 -42.21 -12.35 24.15
C GLY C 103 -40.87 -13.02 24.04
N SER C 104 -40.14 -13.03 25.16
CA SER C 104 -38.76 -13.48 25.25
C SER C 104 -38.71 -15.01 25.39
N THR C 105 -39.24 -15.76 24.40
CA THR C 105 -39.56 -17.16 24.54
C THR C 105 -38.43 -18.03 23.96
N PRO C 106 -38.39 -19.37 24.21
CA PRO C 106 -37.28 -20.21 23.75
C PRO C 106 -37.22 -20.40 22.24
N GLY C 107 -36.03 -20.17 21.70
CA GLY C 107 -35.80 -20.26 20.26
C GLY C 107 -36.04 -18.93 19.54
N SER C 108 -36.39 -17.89 20.30
CA SER C 108 -36.78 -16.63 19.72
C SER C 108 -35.54 -15.79 19.48
N TYR C 109 -35.56 -14.94 18.45
CA TYR C 109 -34.37 -14.16 18.08
C TYR C 109 -34.77 -12.84 17.42
N MET C 110 -33.81 -11.90 17.30
CA MET C 110 -34.07 -10.62 16.65
C MET C 110 -33.91 -10.78 15.14
N ASP C 111 -35.01 -10.71 14.38
CA ASP C 111 -34.98 -10.94 12.94
C ASP C 111 -34.79 -9.62 12.17
N VAL C 112 -35.28 -8.49 12.73
CA VAL C 112 -35.19 -7.19 12.04
C VAL C 112 -34.54 -6.17 12.97
N TRP C 113 -33.69 -5.29 12.43
CA TRP C 113 -32.98 -4.28 13.20
C TRP C 113 -33.03 -2.94 12.48
N GLY C 114 -33.05 -1.82 13.22
CA GLY C 114 -32.91 -0.52 12.60
C GLY C 114 -31.43 -0.12 12.41
N LYS C 115 -31.22 1.03 11.74
CA LYS C 115 -29.89 1.54 11.43
C LYS C 115 -29.24 2.00 12.74
N GLY C 116 -30.07 2.35 13.72
CA GLY C 116 -29.61 2.80 15.02
C GLY C 116 -29.63 4.31 15.17
N THR C 117 -29.44 4.75 16.42
CA THR C 117 -29.40 6.16 16.76
C THR C 117 -28.28 6.34 17.76
N THR C 118 -27.52 7.42 17.62
CA THR C 118 -26.27 7.61 18.33
C THR C 118 -26.52 8.50 19.56
N VAL C 119 -26.08 8.02 20.72
CA VAL C 119 -26.11 8.77 21.95
C VAL C 119 -24.68 9.04 22.37
N SER C 120 -24.33 10.31 22.55
CA SER C 120 -23.02 10.70 23.04
C SER C 120 -23.17 11.42 24.36
N VAL C 121 -22.60 10.83 25.43
CA VAL C 121 -22.70 11.41 26.76
C VAL C 121 -21.32 12.01 27.06
N SER C 122 -21.28 13.34 27.02
CA SER C 122 -20.05 14.10 27.06
C SER C 122 -20.34 15.49 27.60
N SER C 123 -19.41 16.04 28.36
CA SER C 123 -19.57 17.39 28.86
C SER C 123 -18.98 18.42 27.88
N ALA C 124 -18.43 17.97 26.76
CA ALA C 124 -17.90 18.83 25.71
C ALA C 124 -19.01 19.61 25.02
N SER C 125 -18.62 20.79 24.52
CA SER C 125 -19.50 21.66 23.76
C SER C 125 -18.72 22.22 22.57
N THR C 126 -19.47 22.79 21.63
CA THR C 126 -18.95 23.22 20.35
C THR C 126 -17.71 24.07 20.56
N LYS C 127 -16.63 23.71 19.86
CA LYS C 127 -15.35 24.39 19.99
C LYS C 127 -14.57 24.15 18.71
N GLY C 128 -14.07 25.22 18.13
CA GLY C 128 -13.23 25.15 16.96
C GLY C 128 -11.80 24.74 17.34
N PRO C 129 -11.05 24.17 16.36
CA PRO C 129 -9.69 23.69 16.60
C PRO C 129 -8.64 24.79 16.66
N SER C 130 -7.49 24.48 17.27
CA SER C 130 -6.26 25.19 17.04
C SER C 130 -5.43 24.41 16.02
N VAL C 131 -5.10 25.05 14.89
CA VAL C 131 -4.34 24.41 13.84
C VAL C 131 -2.86 24.73 14.03
N PHE C 132 -2.00 23.71 14.06
CA PHE C 132 -0.56 23.92 14.12
C PHE C 132 0.14 23.26 12.93
N PRO C 133 1.24 23.87 12.42
CA PRO C 133 2.01 23.28 11.32
C PRO C 133 2.95 22.17 11.79
N LEU C 134 2.87 21.03 11.10
CA LEU C 134 3.78 19.92 11.30
C LEU C 134 4.88 20.04 10.26
N ALA C 135 6.00 20.62 10.70
CA ALA C 135 7.04 21.05 9.77
C ALA C 135 7.86 19.84 9.40
N PRO C 136 8.38 19.81 8.15
CA PRO C 136 9.34 18.80 7.71
C PRO C 136 10.74 19.19 8.16
N GLY C 143 15.92 10.97 0.60
CA GLY C 143 15.50 10.66 -0.78
C GLY C 143 14.84 11.85 -1.47
N GLY C 144 13.72 11.58 -2.15
CA GLY C 144 13.04 12.58 -2.95
C GLY C 144 11.87 13.26 -2.23
N THR C 145 11.40 12.74 -1.09
CA THR C 145 10.15 13.27 -0.54
C THR C 145 10.32 13.78 0.87
N ALA C 146 9.37 14.63 1.25
CA ALA C 146 9.28 15.18 2.59
C ALA C 146 7.83 15.06 3.04
N ALA C 147 7.66 14.71 4.33
CA ALA C 147 6.38 14.69 5.01
C ALA C 147 6.13 16.02 5.74
N LEU C 148 5.03 16.68 5.40
CA LEU C 148 4.63 17.88 6.14
C LEU C 148 3.14 17.82 6.42
N GLY C 149 2.67 18.57 7.43
CA GLY C 149 1.25 18.42 7.76
C GLY C 149 0.67 19.49 8.66
N CYS C 150 -0.62 19.32 9.01
CA CYS C 150 -1.33 20.26 9.88
C CYS C 150 -1.99 19.50 11.02
N LEU C 151 -1.65 19.82 12.28
CA LEU C 151 -2.34 19.23 13.43
C LEU C 151 -3.60 20.03 13.72
N VAL C 152 -4.77 19.39 13.63
CA VAL C 152 -6.02 20.05 13.93
C VAL C 152 -6.47 19.59 15.31
N LYS C 153 -6.35 20.49 16.31
CA LYS C 153 -6.34 20.08 17.71
C LYS C 153 -7.58 20.61 18.45
N ASP C 154 -8.12 19.78 19.36
CA ASP C 154 -9.07 20.19 20.39
C ASP C 154 -10.31 20.85 19.79
N TYR C 155 -11.11 20.07 19.05
CA TYR C 155 -12.32 20.60 18.41
C TYR C 155 -13.53 19.74 18.76
N PHE C 156 -14.73 20.32 18.69
CA PHE C 156 -15.96 19.59 18.98
C PHE C 156 -17.13 20.33 18.33
N PRO C 157 -18.11 19.62 17.72
CA PRO C 157 -17.99 18.20 17.42
C PRO C 157 -17.42 17.94 16.02
N GLU C 158 -17.52 16.69 15.55
CA GLU C 158 -17.14 16.34 14.19
C GLU C 158 -18.20 16.89 13.23
N PRO C 159 -17.88 17.16 11.93
CA PRO C 159 -16.58 16.84 11.34
C PRO C 159 -15.64 18.01 11.07
N VAL C 160 -14.42 17.71 10.59
CA VAL C 160 -13.45 18.73 10.19
C VAL C 160 -12.95 18.37 8.79
N THR C 161 -12.82 19.35 7.88
CA THR C 161 -12.26 19.08 6.56
C THR C 161 -10.91 19.78 6.41
N VAL C 162 -9.92 19.05 5.87
CA VAL C 162 -8.63 19.64 5.58
C VAL C 162 -8.37 19.47 4.09
N SER C 163 -8.12 20.61 3.43
CA SER C 163 -7.67 20.64 2.06
C SER C 163 -6.28 21.30 2.03
N TRP C 164 -5.55 21.07 0.95
CA TRP C 164 -4.26 21.73 0.79
C TRP C 164 -4.26 22.64 -0.44
N ASN C 165 -3.65 23.82 -0.25
CA ASN C 165 -3.54 24.86 -1.26
C ASN C 165 -4.86 25.04 -2.00
N SER C 166 -5.94 25.05 -1.21
CA SER C 166 -7.29 25.38 -1.64
C SER C 166 -7.80 24.37 -2.67
N GLY C 167 -7.29 23.13 -2.59
CA GLY C 167 -7.71 22.08 -3.49
C GLY C 167 -6.71 21.81 -4.60
N ALA C 168 -5.62 22.58 -4.66
CA ALA C 168 -4.66 22.46 -5.75
C ALA C 168 -3.78 21.22 -5.55
N LEU C 169 -3.55 20.84 -4.29
CA LEU C 169 -2.72 19.68 -3.94
C LEU C 169 -3.58 18.62 -3.26
N THR C 170 -3.76 17.44 -3.89
CA THR C 170 -4.66 16.43 -3.36
C THR C 170 -4.10 15.00 -3.46
N SER C 171 -3.25 14.72 -4.46
CA SER C 171 -2.80 13.34 -4.72
C SER C 171 -1.95 12.79 -3.57
N GLY C 172 -1.02 13.58 -3.04
CA GLY C 172 -0.12 13.08 -2.00
C GLY C 172 -0.64 13.21 -0.55
N VAL C 173 -1.95 13.45 -0.38
CA VAL C 173 -2.51 13.82 0.91
C VAL C 173 -3.09 12.62 1.64
N HIS C 174 -2.86 12.57 2.96
CA HIS C 174 -3.53 11.62 3.81
C HIS C 174 -4.04 12.36 5.04
N THR C 175 -5.36 12.49 5.16
CA THR C 175 -6.02 13.05 6.33
C THR C 175 -6.48 11.89 7.21
N PHE C 176 -5.89 11.77 8.40
CA PHE C 176 -6.14 10.62 9.28
C PHE C 176 -7.43 10.79 10.06
N PRO C 177 -8.13 9.69 10.40
CA PRO C 177 -9.30 9.80 11.25
C PRO C 177 -8.93 10.41 12.60
N ALA C 178 -9.91 11.08 13.22
CA ALA C 178 -9.69 11.85 14.44
C ALA C 178 -9.61 10.91 15.63
N VAL C 179 -8.88 11.30 16.66
CA VAL C 179 -8.92 10.62 17.95
C VAL C 179 -9.90 11.38 18.85
N LEU C 180 -10.70 10.64 19.64
CA LEU C 180 -11.48 11.27 20.70
C LEU C 180 -10.66 11.17 21.99
N GLN C 181 -10.21 12.32 22.51
CA GLN C 181 -9.37 12.36 23.69
C GLN C 181 -10.25 12.25 24.94
N SER C 182 -9.63 12.01 26.12
CA SER C 182 -10.36 11.87 27.39
C SER C 182 -11.18 13.12 27.71
N SER C 183 -10.68 14.27 27.25
CA SER C 183 -11.31 15.57 27.41
C SER C 183 -12.68 15.65 26.74
N GLY C 184 -12.98 14.73 25.81
CA GLY C 184 -14.17 14.80 24.98
C GLY C 184 -13.97 15.63 23.71
N LEU C 185 -12.73 16.09 23.47
CA LEU C 185 -12.41 16.88 22.28
C LEU C 185 -11.69 16.00 21.25
N TYR C 186 -11.87 16.33 19.98
CA TYR C 186 -11.28 15.59 18.86
C TYR C 186 -9.98 16.26 18.41
N SER C 187 -9.02 15.46 17.93
CA SER C 187 -7.85 15.94 17.23
C SER C 187 -7.59 15.04 16.02
N LEU C 188 -7.18 15.67 14.91
CA LEU C 188 -6.73 14.92 13.76
C LEU C 188 -5.50 15.56 13.15
N SER C 189 -4.85 14.80 12.27
CA SER C 189 -3.74 15.31 11.48
C SER C 189 -3.95 15.03 9.99
N SER C 190 -3.54 15.99 9.16
CA SER C 190 -3.44 15.79 7.72
C SER C 190 -1.97 15.99 7.30
N VAL C 191 -1.47 15.02 6.53
CA VAL C 191 -0.08 14.98 6.08
C VAL C 191 -0.07 14.92 4.56
N VAL C 192 0.87 15.66 3.93
CA VAL C 192 1.01 15.54 2.50
C VAL C 192 2.46 15.22 2.14
N THR C 193 2.65 14.40 1.11
CA THR C 193 3.96 13.98 0.64
C THR C 193 4.35 14.90 -0.50
N VAL C 194 5.51 15.57 -0.35
CA VAL C 194 5.92 16.63 -1.27
C VAL C 194 7.40 16.48 -1.62
N PRO C 195 7.90 17.17 -2.66
CA PRO C 195 9.32 17.10 -3.00
C PRO C 195 10.17 17.76 -1.93
N SER C 196 11.26 17.07 -1.54
CA SER C 196 12.17 17.59 -0.52
C SER C 196 13.01 18.74 -1.06
N SER C 197 13.30 18.74 -2.37
CA SER C 197 14.09 19.80 -2.98
C SER C 197 13.28 21.10 -3.09
N SER C 198 11.99 20.99 -3.38
CA SER C 198 11.08 22.12 -3.48
C SER C 198 10.84 22.86 -2.16
N LEU C 199 11.28 22.31 -1.00
CA LEU C 199 10.97 22.96 0.27
C LEU C 199 11.65 24.32 0.32
N GLY C 200 10.91 25.35 0.77
CA GLY C 200 11.46 26.69 0.81
C GLY C 200 11.34 27.46 -0.51
N THR C 201 11.05 26.76 -1.61
CA THR C 201 10.54 27.37 -2.84
C THR C 201 9.01 27.31 -2.90
N GLN C 202 8.42 26.16 -2.53
CA GLN C 202 6.99 25.95 -2.71
C GLN C 202 6.25 26.37 -1.45
N THR C 203 4.97 26.69 -1.66
CA THR C 203 4.11 27.12 -0.58
C THR C 203 3.08 26.02 -0.29
N TYR C 204 2.99 25.59 0.98
CA TYR C 204 2.04 24.57 1.39
C TYR C 204 1.18 25.20 2.50
N ILE C 205 -0.13 25.32 2.22
CA ILE C 205 -1.08 25.89 3.17
C ILE C 205 -2.24 24.92 3.35
N CYS C 206 -2.52 24.50 4.59
CA CYS C 206 -3.67 23.64 4.83
C CYS C 206 -4.90 24.50 5.12
N ASN C 207 -6.03 24.16 4.48
CA ASN C 207 -7.28 24.88 4.69
C ASN C 207 -8.16 24.04 5.64
N VAL C 208 -8.29 24.48 6.90
CA VAL C 208 -9.05 23.72 7.91
C VAL C 208 -10.44 24.34 8.08
N ASN C 209 -11.50 23.55 7.84
CA ASN C 209 -12.86 24.06 7.94
C ASN C 209 -13.64 23.23 8.98
N HIS C 210 -14.03 23.88 10.09
CA HIS C 210 -14.86 23.26 11.12
C HIS C 210 -16.20 23.96 11.09
N LYS C 211 -17.08 23.51 10.20
CA LYS C 211 -18.38 24.15 9.99
C LYS C 211 -19.22 24.26 11.28
N PRO C 212 -19.29 23.24 12.17
CA PRO C 212 -20.01 23.40 13.43
C PRO C 212 -19.69 24.64 14.24
N SER C 213 -18.44 25.14 14.15
CA SER C 213 -18.06 26.35 14.87
C SER C 213 -17.88 27.55 13.93
N ASN C 214 -18.18 27.34 12.65
CA ASN C 214 -17.95 28.34 11.60
C ASN C 214 -16.48 28.76 11.59
N THR C 215 -15.57 27.80 11.75
CA THR C 215 -14.14 28.06 11.86
C THR C 215 -13.43 27.68 10.56
N LYS C 216 -12.78 28.70 9.94
CA LYS C 216 -11.88 28.54 8.81
C LYS C 216 -10.51 29.11 9.16
N VAL C 217 -9.49 28.27 8.98
CA VAL C 217 -8.12 28.60 9.32
C VAL C 217 -7.24 28.11 8.16
N ASP C 218 -6.40 29.01 7.67
CA ASP C 218 -5.38 28.69 6.71
C ASP C 218 -4.04 28.72 7.41
N LYS C 219 -3.36 27.57 7.46
CA LYS C 219 -2.04 27.53 8.08
C LYS C 219 -0.97 27.32 7.01
N LYS C 220 -0.04 28.28 6.91
CA LYS C 220 1.19 28.11 6.13
C LYS C 220 2.14 27.21 6.90
N VAL C 221 2.55 26.10 6.27
CA VAL C 221 3.51 25.18 6.83
C VAL C 221 4.87 25.46 6.19
N GLU C 222 5.83 25.83 7.04
CA GLU C 222 7.16 26.19 6.59
C GLU C 222 8.15 25.20 7.21
N PRO C 223 9.25 24.83 6.52
CA PRO C 223 10.39 24.19 7.20
C PRO C 223 11.05 25.17 8.17
N LYS C 224 11.53 24.70 9.34
CA LYS C 224 11.62 25.56 10.51
C LYS C 224 13.03 26.15 10.71
N GLU D 1 1.54 7.07 -40.92
CA GLU D 1 2.15 6.37 -42.08
C GLU D 1 3.67 6.41 -41.95
N VAL D 2 4.23 7.51 -41.38
CA VAL D 2 5.66 7.60 -41.12
C VAL D 2 6.02 6.66 -39.97
N GLN D 3 6.78 5.61 -40.28
CA GLN D 3 7.17 4.62 -39.29
C GLN D 3 8.53 4.01 -39.64
N LEU D 4 9.24 3.62 -38.58
CA LEU D 4 10.41 2.77 -38.65
C LEU D 4 10.14 1.47 -37.90
N VAL D 5 10.45 0.33 -38.52
CA VAL D 5 10.24 -0.99 -37.91
C VAL D 5 11.56 -1.75 -37.89
N GLU D 6 12.04 -2.07 -36.69
CA GLU D 6 13.31 -2.77 -36.49
C GLU D 6 13.07 -4.27 -36.58
N SER D 7 14.04 -5.02 -37.10
CA SER D 7 13.98 -6.48 -37.10
C SER D 7 15.34 -7.06 -36.76
N GLY D 8 15.36 -8.37 -36.47
CA GLY D 8 16.59 -9.16 -36.43
C GLY D 8 17.05 -9.44 -35.00
N GLY D 9 16.38 -8.83 -34.02
CA GLY D 9 16.67 -9.10 -32.62
C GLY D 9 16.57 -10.58 -32.29
N GLY D 10 17.31 -11.03 -31.26
CA GLY D 10 17.16 -12.39 -30.78
C GLY D 10 18.15 -12.72 -29.67
N LEU D 11 18.17 -13.97 -29.24
CA LEU D 11 19.16 -14.46 -28.30
C LEU D 11 20.41 -14.89 -29.08
N VAL D 12 21.57 -14.50 -28.56
CA VAL D 12 22.84 -14.82 -29.21
C VAL D 12 23.87 -15.17 -28.13
N GLN D 13 24.74 -16.15 -28.42
CA GLN D 13 25.86 -16.50 -27.56
C GLN D 13 26.91 -15.39 -27.66
N PRO D 14 27.67 -15.11 -26.58
CA PRO D 14 28.78 -14.17 -26.66
C PRO D 14 29.72 -14.63 -27.77
N GLY D 15 30.28 -13.69 -28.53
CA GLY D 15 31.20 -14.02 -29.60
C GLY D 15 30.44 -14.25 -30.91
N GLY D 16 29.11 -14.31 -30.84
CA GLY D 16 28.29 -14.55 -32.01
C GLY D 16 28.02 -13.25 -32.77
N SER D 17 27.17 -13.33 -33.79
CA SER D 17 26.89 -12.18 -34.65
C SER D 17 25.38 -12.05 -34.84
N LEU D 18 24.91 -10.82 -35.16
CA LEU D 18 23.49 -10.59 -35.43
C LEU D 18 23.38 -9.46 -36.44
N ARG D 19 22.44 -9.57 -37.40
CA ARG D 19 22.20 -8.48 -38.35
C ARG D 19 20.84 -7.86 -38.04
N LEU D 20 20.82 -6.56 -37.75
CA LEU D 20 19.57 -5.85 -37.47
C LEU D 20 19.17 -5.04 -38.70
N SER D 21 17.87 -4.97 -39.01
CA SER D 21 17.40 -4.11 -40.08
C SER D 21 16.33 -3.14 -39.58
N CYS D 22 16.02 -2.13 -40.39
CA CYS D 22 15.05 -1.10 -40.01
C CYS D 22 14.33 -0.66 -41.28
N ALA D 23 13.03 -0.99 -41.39
CA ALA D 23 12.26 -0.70 -42.58
C ALA D 23 11.54 0.63 -42.37
N ALA D 24 11.67 1.54 -43.35
CA ALA D 24 11.01 2.84 -43.26
C ALA D 24 9.79 2.88 -44.16
N SER D 25 8.76 3.62 -43.72
CA SER D 25 7.54 3.88 -44.47
C SER D 25 7.09 5.32 -44.23
N GLY D 26 6.42 5.90 -45.23
CA GLY D 26 5.75 7.19 -45.11
C GLY D 26 6.61 8.40 -45.48
N PHE D 27 7.89 8.17 -45.84
CA PHE D 27 8.77 9.28 -46.17
C PHE D 27 9.84 8.81 -47.15
N THR D 28 10.63 9.75 -47.66
CA THR D 28 11.75 9.43 -48.57
C THR D 28 12.97 9.07 -47.74
N PHE D 29 13.22 7.77 -47.52
CA PHE D 29 14.30 7.27 -46.68
C PHE D 29 15.63 7.95 -47.04
N SER D 30 15.92 8.03 -48.34
CA SER D 30 17.20 8.56 -48.84
C SER D 30 17.43 10.02 -48.42
N SER D 31 16.34 10.78 -48.19
CA SER D 31 16.47 12.20 -47.84
C SER D 31 16.89 12.41 -46.39
N TYR D 32 17.08 11.34 -45.61
CA TYR D 32 17.35 11.53 -44.19
C TYR D 32 18.36 10.56 -43.60
N ALA D 33 19.23 11.08 -42.73
CA ALA D 33 20.11 10.26 -41.92
C ALA D 33 19.28 9.45 -40.93
N ILE D 34 19.70 8.22 -40.68
CA ILE D 34 19.06 7.34 -39.73
C ILE D 34 20.13 6.85 -38.75
N HIS D 35 19.77 6.75 -37.45
CA HIS D 35 20.69 6.38 -36.39
C HIS D 35 20.18 5.20 -35.58
N TRP D 36 21.09 4.49 -34.91
CA TRP D 36 20.73 3.41 -34.00
C TRP D 36 21.02 3.86 -32.57
N VAL D 37 20.01 3.70 -31.71
CA VAL D 37 20.11 3.98 -30.28
C VAL D 37 19.73 2.73 -29.50
N ARG D 38 20.54 2.38 -28.49
CA ARG D 38 20.28 1.18 -27.73
C ARG D 38 20.03 1.55 -26.27
N GLN D 39 19.38 0.64 -25.54
CA GLN D 39 19.08 0.80 -24.13
C GLN D 39 19.10 -0.55 -23.43
N ALA D 40 20.06 -0.74 -22.52
CA ALA D 40 20.13 -1.97 -21.75
C ALA D 40 18.98 -1.97 -20.74
N PRO D 41 18.45 -3.16 -20.37
CA PRO D 41 17.31 -3.25 -19.46
C PRO D 41 17.58 -2.49 -18.16
N GLY D 42 16.70 -1.53 -17.88
CA GLY D 42 16.76 -0.74 -16.66
C GLY D 42 17.79 0.38 -16.69
N LYS D 43 18.38 0.68 -17.88
CA LYS D 43 19.48 1.63 -17.97
C LYS D 43 19.19 2.72 -19.01
N GLY D 44 20.16 3.57 -19.30
CA GLY D 44 19.92 4.81 -20.03
C GLY D 44 20.06 4.62 -21.53
N LEU D 45 19.67 5.64 -22.31
CA LEU D 45 19.86 5.58 -23.75
C LEU D 45 21.35 5.68 -24.08
N GLU D 46 21.77 4.94 -25.12
CA GLU D 46 23.17 4.93 -25.56
C GLU D 46 23.18 4.95 -27.08
N TRP D 47 23.79 5.99 -27.65
CA TRP D 47 23.92 6.11 -29.09
C TRP D 47 24.92 5.07 -29.60
N VAL D 48 24.60 4.42 -30.72
CA VAL D 48 25.39 3.30 -31.21
C VAL D 48 26.08 3.71 -32.51
N SER D 49 25.27 4.11 -33.48
CA SER D 49 25.80 4.42 -34.80
C SER D 49 24.85 5.31 -35.58
N GLY D 50 25.40 6.03 -36.57
CA GLY D 50 24.62 6.87 -37.47
C GLY D 50 25.18 6.88 -38.90
N LEU D 51 24.30 7.19 -39.85
CA LEU D 51 24.58 7.11 -41.27
C LEU D 51 23.88 8.26 -42.00
N SER D 52 24.60 8.91 -42.91
CA SER D 52 24.02 9.97 -43.75
C SER D 52 22.96 9.40 -44.69
N GLY D 53 22.17 10.30 -45.30
CA GLY D 53 21.10 9.91 -46.20
C GLY D 53 21.57 9.09 -47.39
N GLY D 54 22.77 9.43 -47.91
CA GLY D 54 23.37 8.74 -49.04
C GLY D 54 24.14 7.49 -48.60
N GLY D 55 24.51 7.43 -47.31
CA GLY D 55 25.22 6.28 -46.80
C GLY D 55 26.73 6.46 -46.80
N GLY D 56 27.18 7.63 -47.29
CA GLY D 56 28.59 7.96 -47.41
C GLY D 56 29.28 8.14 -46.06
N ASP D 57 28.71 8.98 -45.20
CA ASP D 57 29.33 9.26 -43.92
C ASP D 57 28.73 8.34 -42.85
N THR D 58 29.59 7.51 -42.24
CA THR D 58 29.20 6.58 -41.19
C THR D 58 29.90 6.96 -39.87
N ASP D 59 29.16 6.89 -38.75
CA ASP D 59 29.66 7.30 -37.45
C ASP D 59 29.31 6.23 -36.42
N TYR D 60 30.25 5.94 -35.52
CA TYR D 60 30.12 4.84 -34.56
C TYR D 60 30.55 5.32 -33.17
N ALA D 61 29.88 4.80 -32.15
CA ALA D 61 30.27 5.05 -30.78
C ALA D 61 31.55 4.28 -30.46
N ASP D 62 32.36 4.80 -29.54
CA ASP D 62 33.62 4.21 -29.17
C ASP D 62 33.44 2.76 -28.71
N SER D 63 32.35 2.48 -28.00
CA SER D 63 32.08 1.14 -27.47
C SER D 63 31.88 0.10 -28.57
N VAL D 64 31.57 0.50 -29.80
CA VAL D 64 31.19 -0.44 -30.85
C VAL D 64 32.03 -0.28 -32.11
N LYS D 65 33.13 0.48 -32.07
CA LYS D 65 33.73 1.00 -33.29
C LYS D 65 34.13 -0.14 -34.24
N GLY D 66 34.82 -1.17 -33.75
CA GLY D 66 35.35 -2.20 -34.63
C GLY D 66 34.33 -3.28 -35.00
N ARG D 67 33.42 -3.58 -34.05
CA ARG D 67 32.61 -4.78 -34.09
C ARG D 67 31.34 -4.54 -34.92
N LEU D 68 30.99 -3.28 -35.19
CA LEU D 68 29.70 -2.97 -35.79
C LEU D 68 29.91 -2.28 -37.13
N THR D 69 28.96 -2.53 -38.04
CA THR D 69 28.96 -1.92 -39.36
C THR D 69 27.55 -1.48 -39.71
N ILE D 70 27.36 -0.17 -39.97
CA ILE D 70 26.06 0.37 -40.34
C ILE D 70 26.05 0.61 -41.83
N SER D 71 24.95 0.26 -42.50
CA SER D 71 24.81 0.50 -43.94
C SER D 71 23.34 0.63 -44.31
N ARG D 72 23.07 1.06 -45.56
CA ARG D 72 21.70 1.26 -45.99
C ARG D 72 21.57 0.95 -47.47
N ASP D 73 20.42 0.39 -47.84
CA ASP D 73 20.03 0.21 -49.23
C ASP D 73 18.78 1.06 -49.47
N ASN D 74 18.97 2.25 -50.05
CA ASN D 74 17.89 3.21 -50.21
C ASN D 74 16.83 2.68 -51.16
N SER D 75 17.22 1.81 -52.10
CA SER D 75 16.29 1.17 -53.02
C SER D 75 15.26 0.34 -52.26
N LYS D 76 15.65 -0.25 -51.13
CA LYS D 76 14.77 -1.08 -50.31
C LYS D 76 14.24 -0.34 -49.08
N LYS D 77 14.49 0.97 -49.00
CA LYS D 77 14.08 1.81 -47.87
C LYS D 77 14.42 1.14 -46.54
N THR D 78 15.60 0.50 -46.46
CA THR D 78 16.01 -0.25 -45.29
C THR D 78 17.41 0.14 -44.82
N LEU D 79 17.59 0.23 -43.50
CA LEU D 79 18.86 0.43 -42.85
C LEU D 79 19.29 -0.91 -42.21
N PHE D 80 20.59 -1.13 -42.06
CA PHE D 80 21.12 -2.35 -41.47
C PHE D 80 22.17 -2.04 -40.42
N LEU D 81 22.31 -2.96 -39.45
CA LEU D 81 23.39 -2.92 -38.49
C LEU D 81 23.97 -4.33 -38.33
N GLU D 82 25.21 -4.49 -38.77
CA GLU D 82 25.89 -5.77 -38.67
C GLU D 82 26.66 -5.74 -37.36
N MET D 83 26.36 -6.69 -36.47
CA MET D 83 27.00 -6.74 -35.17
C MET D 83 27.77 -8.05 -35.06
N ASN D 84 29.08 -7.99 -34.78
CA ASN D 84 29.92 -9.17 -34.70
C ASN D 84 30.57 -9.23 -33.32
N ASN D 85 31.10 -10.41 -32.99
CA ASN D 85 31.72 -10.63 -31.70
C ASN D 85 30.91 -9.94 -30.60
N LEU D 86 29.63 -10.31 -30.44
CA LEU D 86 28.75 -9.65 -29.49
C LEU D 86 29.21 -9.98 -28.06
N ARG D 87 29.14 -8.98 -27.20
CA ARG D 87 29.46 -9.10 -25.79
C ARG D 87 28.17 -9.07 -24.98
N PRO D 88 28.16 -9.60 -23.73
CA PRO D 88 27.00 -9.47 -22.85
C PRO D 88 26.55 -8.02 -22.67
N GLU D 89 27.50 -7.08 -22.71
CA GLU D 89 27.20 -5.67 -22.50
C GLU D 89 26.43 -5.07 -23.68
N ASP D 90 26.34 -5.81 -24.80
CA ASP D 90 25.57 -5.38 -25.96
C ASP D 90 24.09 -5.77 -25.84
N THR D 91 23.74 -6.44 -24.75
CA THR D 91 22.36 -6.79 -24.46
C THR D 91 21.56 -5.50 -24.26
N ALA D 92 20.52 -5.30 -25.07
CA ALA D 92 19.75 -4.06 -25.11
C ALA D 92 18.59 -4.16 -26.10
N ILE D 93 17.63 -3.25 -25.97
CA ILE D 93 16.68 -2.99 -27.04
C ILE D 93 17.35 -1.99 -27.98
N TYR D 94 17.33 -2.31 -29.29
CA TYR D 94 17.95 -1.48 -30.31
C TYR D 94 16.82 -0.77 -31.05
N TYR D 95 16.91 0.56 -31.06
CA TYR D 95 15.93 1.40 -31.72
C TYR D 95 16.59 2.04 -32.95
N CYS D 96 15.89 2.10 -34.09
CA CYS D 96 16.34 3.02 -35.12
C CYS D 96 15.51 4.31 -35.03
N ALA D 97 16.21 5.43 -35.28
CA ALA D 97 15.62 6.78 -35.22
C ALA D 97 16.09 7.61 -36.41
N LYS D 98 15.15 8.38 -36.96
CA LYS D 98 15.34 9.19 -38.15
C LYS D 98 15.68 10.61 -37.74
N LEU D 99 16.78 11.15 -38.29
CA LEU D 99 17.15 12.53 -38.07
C LEU D 99 16.27 13.47 -38.89
N THR D 100 16.29 14.77 -38.56
CA THR D 100 15.50 15.76 -39.27
C THR D 100 16.24 16.26 -40.50
N GLY D 101 17.51 15.88 -40.67
CA GLY D 101 18.27 16.22 -41.87
C GLY D 101 18.89 15.01 -42.57
N TYR D 102 19.51 15.28 -43.74
CA TYR D 102 20.24 14.30 -44.53
C TYR D 102 21.51 13.86 -43.80
N GLY D 103 22.04 14.72 -42.93
CA GLY D 103 23.25 14.43 -42.19
C GLY D 103 23.14 14.88 -40.74
N SER D 104 24.20 14.58 -39.97
CA SER D 104 24.29 14.94 -38.57
C SER D 104 24.76 16.40 -38.44
N THR D 105 23.83 17.35 -38.59
CA THR D 105 24.12 18.79 -38.53
C THR D 105 23.98 19.29 -37.08
N PRO D 106 24.35 20.56 -36.76
CA PRO D 106 24.32 21.09 -35.39
C PRO D 106 23.08 20.84 -34.53
N GLY D 107 21.93 21.35 -35.01
CA GLY D 107 20.71 21.39 -34.23
C GLY D 107 19.71 20.37 -34.73
N SER D 108 20.23 19.24 -35.22
CA SER D 108 19.39 18.20 -35.78
C SER D 108 18.93 17.30 -34.65
N TYR D 109 17.74 16.71 -34.78
CA TYR D 109 17.20 15.82 -33.77
C TYR D 109 16.49 14.61 -34.39
N MET D 110 16.26 13.59 -33.56
CA MET D 110 15.55 12.38 -33.98
C MET D 110 14.05 12.60 -33.79
N ASP D 111 13.30 12.80 -34.89
CA ASP D 111 11.89 13.14 -34.82
C ASP D 111 11.03 11.88 -34.79
N VAL D 112 11.49 10.78 -35.41
CA VAL D 112 10.70 9.54 -35.49
C VAL D 112 11.54 8.38 -34.96
N TRP D 113 10.91 7.45 -34.24
CA TRP D 113 11.59 6.29 -33.67
C TRP D 113 10.76 5.02 -33.92
N GLY D 114 11.41 3.86 -33.92
CA GLY D 114 10.66 2.62 -33.95
C GLY D 114 10.43 2.07 -32.54
N LYS D 115 9.63 0.99 -32.48
CA LYS D 115 9.25 0.35 -31.23
C LYS D 115 10.47 -0.37 -30.67
N GLY D 116 11.43 -0.72 -31.55
CA GLY D 116 12.68 -1.35 -31.14
C GLY D 116 12.71 -2.88 -31.28
N THR D 117 13.92 -3.44 -31.19
CA THR D 117 14.09 -4.87 -31.32
C THR D 117 15.10 -5.30 -30.26
N THR D 118 14.83 -6.45 -29.62
CA THR D 118 15.55 -6.86 -28.41
C THR D 118 16.69 -7.83 -28.76
N VAL D 119 17.89 -7.50 -28.30
CA VAL D 119 19.04 -8.37 -28.42
C VAL D 119 19.46 -8.85 -27.03
N SER D 120 19.57 -10.18 -26.85
CA SER D 120 20.12 -10.75 -25.62
C SER D 120 21.37 -11.54 -25.93
N VAL D 121 22.46 -11.16 -25.27
CA VAL D 121 23.72 -11.86 -25.40
C VAL D 121 23.94 -12.60 -24.09
N SER D 122 23.82 -13.93 -24.17
CA SER D 122 23.90 -14.81 -23.01
C SER D 122 24.52 -16.16 -23.40
N SER D 123 25.32 -16.70 -22.48
CA SER D 123 25.92 -18.01 -22.65
C SER D 123 25.02 -19.11 -22.10
N ALA D 124 23.89 -18.72 -21.49
CA ALA D 124 22.98 -19.66 -20.86
C ALA D 124 22.22 -20.49 -21.91
N SER D 125 21.79 -21.66 -21.44
CA SER D 125 21.04 -22.63 -22.21
C SER D 125 19.75 -22.96 -21.47
N THR D 126 18.76 -23.45 -22.21
CA THR D 126 17.47 -23.84 -21.64
C THR D 126 17.71 -24.72 -20.43
N LYS D 127 17.04 -24.40 -19.32
CA LYS D 127 17.23 -25.11 -18.08
C LYS D 127 16.01 -24.82 -17.21
N GLY D 128 15.44 -25.88 -16.68
CA GLY D 128 14.31 -25.74 -15.77
C GLY D 128 14.80 -25.43 -14.37
N PRO D 129 13.93 -24.80 -13.55
CA PRO D 129 14.30 -24.36 -12.22
C PRO D 129 14.33 -25.48 -11.19
N SER D 130 15.09 -25.25 -10.11
CA SER D 130 14.97 -26.00 -8.87
C SER D 130 14.07 -25.23 -7.91
N VAL D 131 12.94 -25.83 -7.51
CA VAL D 131 11.96 -25.16 -6.67
C VAL D 131 12.26 -25.51 -5.21
N PHE D 132 12.45 -24.50 -4.35
CA PHE D 132 12.65 -24.72 -2.92
C PHE D 132 11.59 -24.04 -2.06
N PRO D 133 11.15 -24.68 -0.95
CA PRO D 133 10.08 -24.11 -0.11
C PRO D 133 10.63 -23.08 0.86
N LEU D 134 10.07 -21.86 0.83
CA LEU D 134 10.50 -20.79 1.74
C LEU D 134 9.52 -20.74 2.91
N ALA D 135 10.02 -21.01 4.13
CA ALA D 135 9.18 -21.01 5.32
C ALA D 135 9.76 -20.05 6.36
N PRO D 136 8.94 -19.54 7.29
CA PRO D 136 9.37 -18.57 8.30
C PRO D 136 10.85 -18.70 8.68
N GLY D 143 2.18 -12.86 14.15
CA GLY D 143 0.89 -12.53 14.80
C GLY D 143 -0.28 -13.38 14.30
N GLY D 144 -1.14 -12.78 13.45
CA GLY D 144 -2.23 -13.47 12.78
C GLY D 144 -1.86 -14.03 11.39
N THR D 145 -0.75 -13.58 10.79
CA THR D 145 -0.42 -14.05 9.45
C THR D 145 0.96 -14.70 9.42
N ALA D 146 1.15 -15.49 8.37
CA ALA D 146 2.39 -16.19 8.12
C ALA D 146 2.76 -16.03 6.66
N ALA D 147 4.05 -15.76 6.40
CA ALA D 147 4.62 -15.67 5.06
C ALA D 147 5.24 -17.00 4.66
N LEU D 148 4.69 -17.62 3.61
CA LEU D 148 5.21 -18.86 3.04
C LEU D 148 5.59 -18.59 1.59
N GLY D 149 6.68 -19.19 1.10
CA GLY D 149 7.13 -18.84 -0.24
C GLY D 149 7.73 -19.99 -1.03
N CYS D 150 7.91 -19.78 -2.35
CA CYS D 150 8.56 -20.77 -3.22
C CYS D 150 9.68 -20.09 -3.99
N LEU D 151 10.94 -20.55 -3.83
CA LEU D 151 12.07 -20.01 -4.58
C LEU D 151 12.21 -20.80 -5.89
N VAL D 152 12.04 -20.14 -7.04
CA VAL D 152 12.23 -20.80 -8.32
C VAL D 152 13.60 -20.38 -8.85
N LYS D 153 14.55 -21.32 -8.82
CA LYS D 153 15.98 -20.99 -8.91
C LYS D 153 16.58 -21.51 -10.23
N ASP D 154 17.48 -20.71 -10.82
CA ASP D 154 18.39 -21.18 -11.86
C ASP D 154 17.63 -21.76 -13.06
N TYR D 155 16.89 -20.89 -13.77
CA TYR D 155 16.11 -21.28 -14.93
C TYR D 155 16.42 -20.36 -16.11
N PHE D 156 16.16 -20.88 -17.31
CA PHE D 156 16.39 -20.11 -18.52
C PHE D 156 15.63 -20.77 -19.67
N PRO D 157 14.95 -19.98 -20.53
CA PRO D 157 14.80 -18.54 -20.34
C PRO D 157 13.50 -18.20 -19.61
N GLU D 158 13.15 -16.90 -19.60
CA GLU D 158 11.83 -16.44 -19.20
C GLU D 158 10.79 -17.02 -20.16
N PRO D 159 9.52 -17.26 -19.70
CA PRO D 159 9.10 -17.05 -18.31
C PRO D 159 8.79 -18.30 -17.49
N VAL D 160 8.32 -18.06 -16.26
CA VAL D 160 7.87 -19.08 -15.33
C VAL D 160 6.50 -18.62 -14.81
N THR D 161 5.55 -19.55 -14.64
CA THR D 161 4.27 -19.25 -14.00
C THR D 161 4.21 -19.96 -12.66
N VAL D 162 3.67 -19.24 -11.66
CA VAL D 162 3.52 -19.78 -10.33
C VAL D 162 2.07 -19.60 -9.89
N SER D 163 1.46 -20.70 -9.44
CA SER D 163 0.14 -20.67 -8.82
C SER D 163 0.25 -21.29 -7.43
N TRP D 164 -0.73 -21.02 -6.57
CA TRP D 164 -0.78 -21.68 -5.27
C TRP D 164 -2.07 -22.48 -5.13
N ASN D 165 -1.93 -23.67 -4.52
CA ASN D 165 -3.01 -24.64 -4.39
C ASN D 165 -3.85 -24.70 -5.65
N SER D 166 -3.13 -24.81 -6.79
CA SER D 166 -3.70 -25.01 -8.12
C SER D 166 -4.65 -23.89 -8.52
N GLY D 167 -4.44 -22.67 -8.01
CA GLY D 167 -5.30 -21.54 -8.33
C GLY D 167 -6.32 -21.22 -7.23
N ALA D 168 -6.32 -22.00 -6.14
CA ALA D 168 -7.27 -21.78 -5.04
C ALA D 168 -6.92 -20.52 -4.24
N LEU D 169 -5.62 -20.24 -4.07
CA LEU D 169 -5.15 -19.04 -3.36
C LEU D 169 -4.53 -18.06 -4.35
N THR D 170 -5.04 -16.83 -4.41
CA THR D 170 -4.54 -15.80 -5.34
C THR D 170 -4.56 -14.40 -4.71
N SER D 171 -5.56 -14.11 -3.86
CA SER D 171 -5.74 -12.76 -3.33
C SER D 171 -4.55 -12.31 -2.47
N GLY D 172 -4.03 -13.21 -1.61
CA GLY D 172 -2.91 -12.86 -0.74
C GLY D 172 -1.57 -13.31 -1.31
N VAL D 173 -1.46 -13.43 -2.65
CA VAL D 173 -0.25 -13.94 -3.30
C VAL D 173 0.51 -12.81 -4.01
N HIS D 174 1.83 -12.74 -3.79
CA HIS D 174 2.69 -11.83 -4.52
C HIS D 174 3.84 -12.59 -5.16
N THR D 175 3.85 -12.66 -6.52
CA THR D 175 4.91 -13.31 -7.27
C THR D 175 5.84 -12.22 -7.82
N PHE D 176 7.10 -12.20 -7.37
CA PHE D 176 8.02 -11.11 -7.66
C PHE D 176 8.67 -11.29 -9.05
N PRO D 177 9.00 -10.20 -9.76
CA PRO D 177 9.77 -10.33 -11.01
C PRO D 177 11.11 -11.02 -10.76
N ALA D 178 11.60 -11.72 -11.78
CA ALA D 178 12.83 -12.49 -11.71
C ALA D 178 14.04 -11.56 -11.64
N VAL D 179 15.11 -12.04 -10.99
CA VAL D 179 16.43 -11.43 -11.14
C VAL D 179 17.21 -12.19 -12.23
N LEU D 180 17.99 -11.48 -13.06
CA LEU D 180 18.94 -12.12 -13.95
C LEU D 180 20.30 -12.14 -13.27
N GLN D 181 20.80 -13.32 -12.92
CA GLN D 181 22.05 -13.46 -12.19
C GLN D 181 23.22 -13.32 -13.17
N SER D 182 24.44 -13.14 -12.63
CA SER D 182 25.66 -13.03 -13.40
C SER D 182 25.89 -14.25 -14.28
N SER D 183 25.43 -15.42 -13.81
CA SER D 183 25.52 -16.68 -14.53
C SER D 183 24.73 -16.69 -15.83
N GLY D 184 23.79 -15.75 -16.00
CA GLY D 184 22.85 -15.77 -17.11
C GLY D 184 21.56 -16.52 -16.79
N LEU D 185 21.42 -17.03 -15.56
CA LEU D 185 20.22 -17.77 -15.17
C LEU D 185 19.29 -16.87 -14.36
N TYR D 186 17.98 -17.14 -14.45
CA TYR D 186 16.98 -16.34 -13.75
C TYR D 186 16.57 -17.02 -12.44
N SER D 187 16.21 -16.22 -11.42
CA SER D 187 15.67 -16.75 -10.17
C SER D 187 14.47 -15.88 -9.76
N LEU D 188 13.35 -16.52 -9.39
CA LEU D 188 12.12 -15.81 -9.07
C LEU D 188 11.57 -16.35 -7.74
N SER D 189 10.76 -15.54 -7.03
CA SER D 189 10.18 -15.96 -5.75
C SER D 189 8.71 -15.54 -5.66
N SER D 190 7.85 -16.44 -5.15
CA SER D 190 6.45 -16.16 -4.90
C SER D 190 6.18 -16.36 -3.43
N VAL D 191 5.42 -15.43 -2.83
CA VAL D 191 5.05 -15.48 -1.43
C VAL D 191 3.53 -15.40 -1.30
N VAL D 192 2.97 -16.12 -0.32
CA VAL D 192 1.55 -16.01 -0.03
C VAL D 192 1.35 -15.71 1.46
N THR D 193 0.37 -14.85 1.77
CA THR D 193 0.02 -14.50 3.14
C THR D 193 -1.13 -15.41 3.58
N VAL D 194 -0.92 -16.15 4.67
CA VAL D 194 -1.88 -17.13 5.16
C VAL D 194 -2.07 -16.99 6.67
N PRO D 195 -3.09 -17.64 7.28
CA PRO D 195 -3.26 -17.60 8.72
C PRO D 195 -2.16 -18.39 9.41
N SER D 196 -1.59 -17.80 10.46
CA SER D 196 -0.59 -18.47 11.28
C SER D 196 -1.21 -19.60 12.12
N SER D 197 -2.49 -19.48 12.49
CA SER D 197 -3.23 -20.52 13.21
C SER D 197 -3.40 -21.79 12.38
N SER D 198 -3.74 -21.64 11.11
CA SER D 198 -3.98 -22.72 10.18
C SER D 198 -2.71 -23.53 9.86
N LEU D 199 -1.50 -23.05 10.22
CA LEU D 199 -0.28 -23.76 9.83
C LEU D 199 -0.23 -25.11 10.52
N GLY D 200 0.21 -26.13 9.78
CA GLY D 200 0.23 -27.49 10.29
C GLY D 200 -1.11 -28.21 10.09
N THR D 201 -2.21 -27.45 9.92
CA THR D 201 -3.50 -27.99 9.52
C THR D 201 -3.71 -27.89 8.01
N GLN D 202 -3.41 -26.72 7.43
CA GLN D 202 -3.66 -26.48 6.02
C GLN D 202 -2.43 -26.87 5.23
N THR D 203 -2.66 -27.24 3.97
CA THR D 203 -1.59 -27.59 3.06
C THR D 203 -1.44 -26.49 2.01
N TYR D 204 -0.20 -26.01 1.87
CA TYR D 204 0.11 -24.96 0.90
C TYR D 204 1.14 -25.52 -0.09
N ILE D 205 0.74 -25.53 -1.37
CA ILE D 205 1.53 -26.07 -2.46
C ILE D 205 1.65 -25.00 -3.54
N CYS D 206 2.89 -24.66 -3.91
CA CYS D 206 3.09 -23.84 -5.10
C CYS D 206 3.24 -24.73 -6.33
N ASN D 207 2.61 -24.29 -7.42
CA ASN D 207 2.63 -24.99 -8.69
C ASN D 207 3.49 -24.20 -9.65
N VAL D 208 4.70 -24.70 -9.95
CA VAL D 208 5.64 -24.03 -10.82
C VAL D 208 5.60 -24.68 -12.19
N ASN D 209 5.42 -23.86 -13.24
CA ASN D 209 5.46 -24.32 -14.61
C ASN D 209 6.50 -23.52 -15.41
N HIS D 210 7.51 -24.20 -15.98
CA HIS D 210 8.46 -23.60 -16.91
C HIS D 210 8.32 -24.29 -18.27
N LYS D 211 7.41 -23.77 -19.09
CA LYS D 211 7.06 -24.38 -20.37
C LYS D 211 8.27 -24.56 -21.27
N PRO D 212 9.21 -23.59 -21.42
CA PRO D 212 10.42 -23.80 -22.23
C PRO D 212 11.20 -25.09 -21.97
N SER D 213 11.16 -25.60 -20.74
CA SER D 213 11.86 -26.82 -20.41
C SER D 213 10.89 -27.98 -20.13
N ASN D 214 9.59 -27.71 -20.34
CA ASN D 214 8.52 -28.66 -20.04
C ASN D 214 8.61 -29.10 -18.57
N THR D 215 8.88 -28.15 -17.68
CA THR D 215 9.07 -28.44 -16.27
C THR D 215 7.83 -28.01 -15.47
N LYS D 216 7.20 -28.98 -14.79
CA LYS D 216 6.15 -28.76 -13.80
C LYS D 216 6.60 -29.35 -12.47
N VAL D 217 6.50 -28.56 -11.41
CA VAL D 217 6.90 -28.96 -10.08
C VAL D 217 5.83 -28.46 -9.11
N ASP D 218 5.34 -29.37 -8.28
CA ASP D 218 4.43 -29.03 -7.20
C ASP D 218 5.20 -29.18 -5.90
N LYS D 219 5.49 -28.06 -5.24
CA LYS D 219 6.31 -28.07 -4.02
C LYS D 219 5.45 -27.76 -2.78
N LYS D 220 5.37 -28.71 -1.86
CA LYS D 220 4.66 -28.54 -0.59
C LYS D 220 5.54 -27.71 0.35
N VAL D 221 4.99 -26.60 0.86
CA VAL D 221 5.69 -25.71 1.77
C VAL D 221 5.17 -25.97 3.19
N GLU D 222 6.06 -26.40 4.09
CA GLU D 222 5.70 -26.64 5.48
C GLU D 222 6.63 -25.83 6.39
N PRO D 223 6.22 -25.46 7.63
CA PRO D 223 7.04 -24.60 8.49
C PRO D 223 8.36 -25.21 9.01
#